data_1Y8J
#
_entry.id   1Y8J
#
_cell.length_a   107.355
_cell.length_b   107.356
_cell.length_c   112.466
_cell.angle_alpha   90.00
_cell.angle_beta   90.00
_cell.angle_gamma   120.00
#
_symmetry.space_group_name_H-M   'P 32 2 1'
#
loop_
_entity.id
_entity.type
_entity.pdbx_description
1 polymer Neprilysin
2 non-polymer 2-acetamido-2-deoxy-beta-D-glucopyranose
3 non-polymer 'ZINC ION'
4 non-polymer 'ACETATE ION'
5 non-polymer 2-[(1S)-1-BENZYL-2-SULFANYLETHYL]-1H-IMIDAZO[4,5-C]PYRIDIN-5-IUM
6 water water
#
_entity_poly.entity_id   1
_entity_poly.type   'polypeptide(L)'
_entity_poly.pdbx_seq_one_letter_code
;GICKSSDCIKSAARLIQNMDATTEPCTDFFKYACGGWLKRNVIPETSSRYGNFDILRDELEVVLKDVLQEPKTEDIVAVQ
KAKALYRSCINESAIDSRGGEPLLKLLPDIYGWPVATENWEQKYGASWTAEKAIAQLNSKYGKKVLINLFVGTDDKNSVN
HVIHIDQPRLGLPSRDYYECTGIYKEACTAYVDFMISVARLIRQEERLPIDENQLALEMNKVMELEKEIANATAKPEDRN
DPMLLYNKMTLAQIQNNFSLEINGKPFSWLNFTNEIMSTVNISITNEEDVVVYAPEYLTKLKPILTKYSARDLQNLMSWR
FIMDLVSSLSRTYKESRNAFRKALYGTTSETATWRRCANYVNGNMENAVGRLYVEAAFAGESKHVVEDLIAQIREVFIQT
LDDLTWMDAETKKRAEEKALAIKERIGYPDDIVSNDNKLNNEYLELNYKEDEYFENIIQNLKFSQSKQLKKLREKVDKDE
WISGAAVVNAFYSSGRNQIVFPAGILQPPFFSAQQSNSLNYGGIGMVIGHEITHGFDDNGRNFNKDGDLVDWWTQQSASN
FKEQSQCMVYQYGNFSWDLAGGQHLNGINTLGENIADNGGLGQAYRAYQNYIKKNGEEKLLPGLDLNHKQLFFLNFAQVW
CGTYRPEYAVNSIKTDVHSPGNFRIIGTLQNSAEFSEAFHCRKNSYMNPEKKCRVW
;
_entity_poly.pdbx_strand_id   A
#
loop_
_chem_comp.id
_chem_comp.type
_chem_comp.name
_chem_comp.formula
ACT non-polymer 'ACETATE ION' 'C2 H3 O2 -1'
NAG D-saccharide, beta linking 2-acetamido-2-deoxy-beta-D-glucopyranose 'C8 H15 N O6'
STS non-polymer 2-[(1S)-1-BENZYL-2-SULFANYLETHYL]-1H-IMIDAZO[4,5-C]PYRIDIN-5-IUM 'C15 H16 N3 S 1'
ZN non-polymer 'ZINC ION' 'Zn 2'
#
# COMPACT_ATOMS: atom_id res chain seq x y z
N GLY A 1 39.45 -9.90 -18.64
CA GLY A 1 38.29 -10.84 -18.55
C GLY A 1 36.97 -10.11 -18.32
N ILE A 2 36.66 -9.17 -19.21
CA ILE A 2 35.33 -8.60 -19.35
C ILE A 2 34.32 -9.54 -20.00
N CYS A 3 33.20 -9.79 -19.32
CA CYS A 3 31.96 -10.24 -19.97
C CYS A 3 31.54 -9.35 -21.15
N LYS A 4 31.23 -9.96 -22.29
CA LYS A 4 30.77 -9.20 -23.45
C LYS A 4 29.51 -9.80 -24.07
N SER A 5 28.67 -10.40 -23.25
CA SER A 5 27.38 -10.89 -23.70
C SER A 5 26.39 -9.77 -24.03
N SER A 6 25.39 -10.10 -24.83
CA SER A 6 24.24 -9.23 -25.04
C SER A 6 23.73 -8.70 -23.72
N ASP A 7 23.45 -9.62 -22.81
CA ASP A 7 22.82 -9.27 -21.55
C ASP A 7 23.78 -8.44 -20.69
N CYS A 8 25.08 -8.72 -20.83
CA CYS A 8 26.08 -7.92 -20.15
C CYS A 8 26.14 -6.51 -20.73
N ILE A 9 26.02 -6.39 -22.04
CA ILE A 9 26.03 -5.09 -22.66
C ILE A 9 24.85 -4.27 -22.19
N LYS A 10 23.68 -4.89 -22.07
CA LYS A 10 22.48 -4.18 -21.64
C LYS A 10 22.67 -3.68 -20.22
N SER A 11 23.04 -4.60 -19.35
CA SER A 11 23.29 -4.29 -17.95
C SER A 11 24.21 -3.10 -17.80
N ALA A 12 25.40 -3.20 -18.37
CA ALA A 12 26.42 -2.16 -18.21
C ALA A 12 25.91 -0.81 -18.66
N ALA A 13 25.22 -0.78 -19.80
CA ALA A 13 24.77 0.45 -20.40
C ALA A 13 23.77 1.15 -19.49
N ARG A 14 22.88 0.36 -18.89
CA ARG A 14 21.93 0.90 -17.93
C ARG A 14 22.65 1.46 -16.70
N LEU A 15 23.61 0.71 -16.16
CA LEU A 15 24.35 1.17 -15.00
C LEU A 15 25.09 2.47 -15.29
N ILE A 16 25.70 2.53 -16.47
CA ILE A 16 26.46 3.70 -16.90
C ILE A 16 25.57 4.92 -17.04
N GLN A 17 24.46 4.77 -17.74
CA GLN A 17 23.65 5.91 -18.11
C GLN A 17 23.02 6.52 -16.85
N ASN A 18 22.78 5.69 -15.84
CA ASN A 18 22.13 6.17 -14.62
C ASN A 18 23.10 6.94 -13.73
N MET A 19 24.36 6.52 -13.71
CA MET A 19 25.30 6.98 -12.68
C MET A 19 25.99 8.29 -13.06
N ASP A 20 26.42 9.07 -12.07
CA ASP A 20 27.26 10.24 -12.35
C ASP A 20 28.62 10.05 -11.71
N ALA A 21 29.57 9.59 -12.50
CA ALA A 21 30.87 9.21 -11.98
C ALA A 21 31.68 10.48 -11.68
N THR A 22 31.10 11.63 -11.99
CA THR A 22 31.67 12.92 -11.61
C THR A 22 31.61 13.12 -10.09
N THR A 23 30.76 12.34 -9.43
CA THR A 23 30.52 12.49 -8.00
C THR A 23 31.26 11.43 -7.20
N GLU A 24 31.92 11.87 -6.14
CA GLU A 24 32.54 10.96 -5.18
C GLU A 24 31.51 10.10 -4.45
N PRO A 25 31.54 8.80 -4.72
CA PRO A 25 30.65 7.84 -4.07
C PRO A 25 30.60 8.02 -2.55
N CYS A 26 31.67 8.54 -1.96
CA CYS A 26 31.77 8.60 -0.51
C CYS A 26 31.23 9.92 0.02
N THR A 27 31.09 10.89 -0.87
CA THR A 27 30.43 12.16 -0.55
C THR A 27 28.91 12.05 -0.69
N ASP A 28 28.42 11.52 -1.81
CA ASP A 28 26.97 11.35 -1.95
C ASP A 28 26.57 10.22 -2.91
N PHE A 29 26.39 9.02 -2.37
CA PHE A 29 26.31 7.83 -3.23
C PHE A 29 25.02 7.77 -4.05
N PHE A 30 23.97 8.43 -3.58
CA PHE A 30 22.77 8.59 -4.40
C PHE A 30 23.06 9.44 -5.64
N LYS A 31 23.74 10.57 -5.45
CA LYS A 31 24.19 11.39 -6.58
C LYS A 31 25.03 10.55 -7.53
N TYR A 32 26.01 9.86 -6.97
CA TYR A 32 26.92 9.05 -7.75
C TYR A 32 26.17 8.02 -8.56
N ALA A 33 25.27 7.30 -7.90
CA ALA A 33 24.65 6.14 -8.49
C ALA A 33 23.52 6.56 -9.41
N CYS A 34 23.01 7.76 -9.22
CA CYS A 34 21.76 8.15 -9.85
C CYS A 34 21.83 9.46 -10.61
N GLY A 35 23.01 10.06 -10.66
CA GLY A 35 23.14 11.44 -11.05
C GLY A 35 22.68 11.66 -12.48
N GLY A 36 22.96 10.67 -13.33
CA GLY A 36 22.70 10.80 -14.75
C GLY A 36 21.22 10.59 -15.07
N TRP A 37 20.58 9.73 -14.30
CA TRP A 37 19.13 9.61 -14.34
C TRP A 37 18.48 10.94 -13.99
N LEU A 38 18.94 11.55 -12.91
CA LEU A 38 18.38 12.81 -12.44
C LEU A 38 18.47 13.90 -13.52
N LYS A 39 19.58 13.93 -14.23
CA LYS A 39 19.78 14.97 -15.25
C LYS A 39 18.81 14.81 -16.41
N ARG A 40 18.57 13.57 -16.82
CA ARG A 40 18.00 13.32 -18.13
C ARG A 40 16.46 13.31 -18.04
N ASN A 41 15.94 13.05 -16.86
CA ASN A 41 14.52 12.73 -16.69
C ASN A 41 13.83 13.87 -16.02
N VAL A 42 12.65 14.23 -16.50
CA VAL A 42 11.75 15.08 -15.75
C VAL A 42 10.51 14.27 -15.39
N ILE A 43 9.97 14.50 -14.19
CA ILE A 43 8.73 13.86 -13.79
C ILE A 43 7.64 14.19 -14.80
N PRO A 44 7.02 13.16 -15.36
CA PRO A 44 5.82 13.35 -16.20
C PRO A 44 4.70 14.07 -15.47
N GLU A 45 3.88 14.78 -16.23
CA GLU A 45 2.74 15.52 -15.68
C GLU A 45 1.72 14.62 -14.95
N THR A 46 1.70 13.35 -15.29
CA THR A 46 0.75 12.43 -14.73
C THR A 46 1.39 11.67 -13.60
N SER A 47 2.63 11.99 -13.25
CA SER A 47 3.38 11.25 -12.23
C SER A 47 3.50 12.11 -10.96
N SER A 48 3.27 11.52 -9.81
CA SER A 48 3.61 12.20 -8.57
C SER A 48 5.01 11.79 -8.14
N ARG A 49 5.48 10.64 -8.61
CA ARG A 49 6.82 10.19 -8.35
C ARG A 49 7.31 9.45 -9.58
N TYR A 50 8.58 9.62 -9.91
CA TYR A 50 9.15 8.92 -11.05
C TYR A 50 10.51 8.42 -10.67
N GLY A 51 10.92 7.34 -11.29
CA GLY A 51 12.09 6.61 -10.84
C GLY A 51 12.09 5.27 -11.49
N ASN A 52 13.21 4.56 -11.40
CA ASN A 52 13.38 3.29 -12.06
C ASN A 52 12.28 2.32 -11.65
N PHE A 53 11.90 2.36 -10.39
CA PHE A 53 10.88 1.48 -9.86
C PHE A 53 9.53 1.78 -10.48
N ASP A 54 9.15 3.06 -10.53
CA ASP A 54 7.91 3.43 -11.20
C ASP A 54 7.94 3.10 -12.70
N ILE A 55 9.09 3.29 -13.35
CA ILE A 55 9.20 2.98 -14.77
C ILE A 55 8.85 1.51 -15.04
N LEU A 56 9.36 0.62 -14.21
CA LEU A 56 8.96 -0.79 -14.28
C LEU A 56 7.44 -0.95 -14.25
N ARG A 57 6.78 -0.20 -13.38
CA ARG A 57 5.35 -0.30 -13.26
C ARG A 57 4.66 0.25 -14.51
N ASP A 58 5.25 1.26 -15.13
CA ASP A 58 4.73 1.77 -16.42
C ASP A 58 4.93 0.74 -17.52
N GLU A 59 6.03 0.01 -17.46
CA GLU A 59 6.33 -0.97 -18.48
C GLU A 59 5.44 -2.20 -18.33
N LEU A 60 5.02 -2.48 -17.10
CA LEU A 60 4.19 -3.64 -16.84
C LEU A 60 2.80 -3.34 -17.37
N GLU A 61 2.40 -2.09 -17.26
CA GLU A 61 1.11 -1.70 -17.80
C GLU A 61 1.07 -1.94 -19.32
N VAL A 62 2.17 -1.68 -20.02
CA VAL A 62 2.16 -1.85 -21.47
C VAL A 62 1.86 -3.31 -21.78
N VAL A 63 2.45 -4.22 -21.01
CA VAL A 63 2.19 -5.63 -21.20
C VAL A 63 0.69 -5.95 -20.98
N LEU A 64 0.09 -5.35 -19.97
CA LEU A 64 -1.30 -5.62 -19.64
C LEU A 64 -2.24 -5.16 -20.75
N LYS A 65 -1.95 -3.98 -21.29
CA LYS A 65 -2.77 -3.44 -22.37
C LYS A 65 -2.72 -4.37 -23.59
N ASP A 66 -1.53 -4.90 -23.88
CA ASP A 66 -1.37 -5.86 -24.96
C ASP A 66 -2.18 -7.14 -24.74
N VAL A 67 -2.25 -7.65 -23.51
CA VAL A 67 -2.96 -8.91 -23.31
C VAL A 67 -4.42 -8.71 -22.98
N LEU A 68 -4.86 -7.47 -22.80
CA LEU A 68 -6.27 -7.25 -22.51
C LEU A 68 -7.08 -6.74 -23.71
N GLN A 69 -6.40 -6.20 -24.72
CA GLN A 69 -7.08 -5.35 -25.70
C GLN A 69 -7.68 -6.15 -26.87
N GLU A 70 -7.21 -7.37 -27.08
CA GLU A 70 -7.64 -8.17 -28.23
C GLU A 70 -8.31 -9.45 -27.75
N PRO A 71 -9.61 -9.55 -28.01
CA PRO A 71 -10.36 -10.80 -27.84
C PRO A 71 -9.66 -11.99 -28.49
N LYS A 72 -9.67 -13.14 -27.84
CA LYS A 72 -9.17 -14.36 -28.47
C LYS A 72 -10.15 -15.52 -28.32
N THR A 73 -10.35 -16.26 -29.40
CA THR A 73 -11.46 -17.21 -29.51
C THR A 73 -11.41 -18.17 -28.34
N GLU A 74 -10.20 -18.58 -27.99
CA GLU A 74 -10.01 -19.65 -27.01
C GLU A 74 -10.08 -19.13 -25.59
N ASP A 75 -10.32 -17.82 -25.44
CA ASP A 75 -10.30 -17.20 -24.12
C ASP A 75 -11.34 -17.82 -23.21
N ILE A 76 -10.93 -18.40 -22.09
CA ILE A 76 -11.90 -18.81 -21.10
C ILE A 76 -12.69 -17.62 -20.53
N VAL A 77 -13.77 -17.93 -19.84
CA VAL A 77 -14.79 -16.96 -19.48
C VAL A 77 -14.21 -15.92 -18.53
N ALA A 78 -13.30 -16.38 -17.69
CA ALA A 78 -12.73 -15.57 -16.65
C ALA A 78 -11.97 -14.39 -17.25
N VAL A 79 -11.43 -14.60 -18.43
CA VAL A 79 -10.53 -13.68 -19.10
C VAL A 79 -11.32 -12.83 -20.08
N GLN A 80 -12.34 -13.44 -20.67
CA GLN A 80 -13.38 -12.67 -21.36
C GLN A 80 -13.98 -11.60 -20.46
N LYS A 81 -14.12 -11.90 -19.17
CA LYS A 81 -14.65 -10.91 -18.24
C LYS A 81 -13.64 -9.79 -18.06
N ALA A 82 -12.38 -10.15 -17.88
CA ALA A 82 -11.34 -9.16 -17.65
C ALA A 82 -11.32 -8.21 -18.83
N LYS A 83 -11.28 -8.78 -20.03
CA LYS A 83 -11.17 -8.00 -21.25
C LYS A 83 -12.44 -7.16 -21.43
N ALA A 84 -13.60 -7.76 -21.19
CA ALA A 84 -14.83 -7.00 -21.29
C ALA A 84 -14.84 -5.82 -20.31
N LEU A 85 -14.32 -6.04 -19.10
CA LEU A 85 -14.19 -4.98 -18.10
C LEU A 85 -13.24 -3.90 -18.57
N TYR A 86 -12.10 -4.33 -19.09
CA TYR A 86 -11.18 -3.46 -19.80
C TYR A 86 -11.89 -2.62 -20.86
N ARG A 87 -12.64 -3.27 -21.74
CA ARG A 87 -13.32 -2.57 -22.84
C ARG A 87 -14.35 -1.60 -22.31
N SER A 88 -15.08 -1.98 -21.26
CA SER A 88 -16.09 -1.08 -20.70
C SER A 88 -15.40 0.12 -20.07
N CYS A 89 -14.14 -0.08 -19.69
CA CYS A 89 -13.41 0.93 -18.93
C CYS A 89 -12.78 1.97 -19.86
N ILE A 90 -12.27 1.56 -21.01
CA ILE A 90 -11.66 2.51 -21.94
C ILE A 90 -12.64 3.21 -22.90
N ASN A 91 -13.91 2.84 -22.90
CA ASN A 91 -14.89 3.57 -23.73
C ASN A 91 -15.40 4.85 -23.08
N GLU A 92 -14.79 5.99 -23.39
CA GLU A 92 -15.12 7.24 -22.71
C GLU A 92 -16.42 7.85 -23.27
N SER A 93 -16.73 7.59 -24.53
CA SER A 93 -17.89 8.22 -25.12
C SER A 93 -19.16 7.60 -24.50
N ALA A 94 -19.21 6.29 -24.41
CA ALA A 94 -20.21 5.62 -23.60
C ALA A 94 -20.35 6.26 -22.21
N ILE A 95 -19.23 6.47 -21.52
CA ILE A 95 -19.27 7.02 -20.16
C ILE A 95 -19.67 8.50 -20.15
N ASP A 96 -19.15 9.26 -21.11
CA ASP A 96 -19.46 10.68 -21.18
C ASP A 96 -20.94 10.91 -21.49
N SER A 97 -21.54 10.02 -22.27
CA SER A 97 -22.94 10.15 -22.63
C SER A 97 -23.88 9.93 -21.43
N ARG A 98 -23.39 9.29 -20.37
CA ARG A 98 -24.25 8.99 -19.24
C ARG A 98 -24.17 10.10 -18.19
N GLY A 99 -23.30 11.07 -18.43
CA GLY A 99 -23.12 12.18 -17.49
C GLY A 99 -22.86 11.67 -16.09
N GLY A 100 -23.69 12.12 -15.15
CA GLY A 100 -23.60 11.70 -13.76
C GLY A 100 -24.73 10.76 -13.40
N GLU A 101 -25.58 10.48 -14.39
CA GLU A 101 -26.83 9.77 -14.14
C GLU A 101 -26.57 8.54 -13.28
N PRO A 102 -25.57 7.75 -13.64
CA PRO A 102 -25.24 6.53 -12.89
C PRO A 102 -25.00 6.78 -11.40
N LEU A 103 -24.58 7.98 -11.03
CA LEU A 103 -24.45 8.35 -9.62
C LEU A 103 -25.80 8.74 -9.04
N LEU A 104 -26.58 9.51 -9.79
CA LEU A 104 -27.92 9.90 -9.33
C LEU A 104 -28.79 8.68 -9.06
N LYS A 105 -28.70 7.66 -9.92
CA LYS A 105 -29.40 6.40 -9.69
C LYS A 105 -29.01 5.84 -8.34
N LEU A 106 -27.83 6.24 -7.87
CA LEU A 106 -27.14 5.53 -6.81
C LEU A 106 -27.41 6.22 -5.48
N LEU A 107 -27.50 7.55 -5.54
CA LEU A 107 -27.63 8.35 -4.33
C LEU A 107 -28.72 7.87 -3.37
N PRO A 108 -29.93 7.67 -3.87
CA PRO A 108 -31.07 7.37 -2.99
C PRO A 108 -30.73 6.22 -2.06
N ASP A 109 -29.80 5.39 -2.50
CA ASP A 109 -29.62 4.07 -1.90
C ASP A 109 -28.50 4.07 -0.88
N ILE A 110 -27.87 5.23 -0.67
CA ILE A 110 -27.00 5.42 0.49
C ILE A 110 -27.55 6.53 1.38
N TYR A 111 -28.85 6.75 1.29
CA TYR A 111 -29.51 7.68 2.20
C TYR A 111 -29.30 9.13 1.78
N GLY A 112 -28.85 9.34 0.55
CA GLY A 112 -28.88 10.66 -0.05
C GLY A 112 -27.56 11.40 0.08
N TRP A 113 -27.44 12.52 -0.63
CA TRP A 113 -26.49 13.56 -0.25
C TRP A 113 -27.22 14.86 0.02
N PRO A 114 -27.48 15.16 1.28
CA PRO A 114 -28.38 16.25 1.65
C PRO A 114 -28.09 17.53 0.87
N VAL A 115 -26.88 18.09 1.03
CA VAL A 115 -26.50 19.30 0.31
C VAL A 115 -26.98 19.27 -1.15
N ALA A 116 -27.21 18.10 -1.70
CA ALA A 116 -27.58 17.99 -3.10
C ALA A 116 -29.00 17.45 -3.25
N THR A 117 -29.81 17.65 -2.22
CA THR A 117 -31.19 17.15 -2.21
C THR A 117 -32.19 18.25 -1.81
N GLU A 118 -33.46 18.03 -2.15
CA GLU A 118 -34.58 18.69 -1.49
C GLU A 118 -35.09 17.90 -0.27
N ASN A 119 -35.40 18.61 0.80
CA ASN A 119 -36.03 18.03 2.00
C ASN A 119 -35.45 16.68 2.42
N TRP A 120 -34.12 16.64 2.56
CA TRP A 120 -33.46 15.41 2.97
C TRP A 120 -34.12 14.86 4.23
N GLU A 121 -34.53 15.75 5.12
CA GLU A 121 -35.07 15.32 6.40
C GLU A 121 -36.39 14.57 6.24
N GLN A 122 -37.28 15.06 5.38
CA GLN A 122 -38.56 14.39 5.14
C GLN A 122 -38.35 13.02 4.51
N LYS A 123 -37.47 12.95 3.51
CA LYS A 123 -37.33 11.72 2.73
C LYS A 123 -36.68 10.60 3.55
N TYR A 124 -35.60 10.91 4.25
CA TYR A 124 -34.78 9.88 4.91
C TYR A 124 -34.85 9.97 6.43
N GLY A 125 -34.53 11.16 6.95
CA GLY A 125 -34.33 11.34 8.38
C GLY A 125 -35.33 10.54 9.20
N ALA A 126 -36.55 10.44 8.69
CA ALA A 126 -37.39 9.29 9.01
C ALA A 126 -36.48 8.08 9.13
N SER A 127 -36.30 7.39 8.02
CA SER A 127 -35.72 6.06 8.02
C SER A 127 -34.31 6.16 8.59
N TRP A 128 -33.64 7.24 8.25
CA TRP A 128 -32.24 7.43 8.59
C TRP A 128 -32.01 6.96 10.03
N THR A 129 -30.93 6.21 10.24
CA THR A 129 -30.09 6.37 11.42
C THR A 129 -28.67 5.93 11.12
N ALA A 130 -27.74 6.25 12.02
CA ALA A 130 -26.34 6.14 11.68
C ALA A 130 -25.90 4.69 11.61
N GLU A 131 -26.45 3.86 12.50
CA GLU A 131 -26.39 2.42 12.33
C GLU A 131 -26.68 2.05 10.88
N LYS A 132 -27.84 2.43 10.39
CA LYS A 132 -28.34 1.91 9.13
C LYS A 132 -27.53 2.50 7.97
N ALA A 133 -27.13 3.76 8.13
CA ALA A 133 -26.44 4.49 7.07
C ALA A 133 -24.97 4.12 6.96
N ILE A 134 -24.29 4.04 8.09
CA ILE A 134 -22.88 3.68 8.07
C ILE A 134 -22.75 2.27 7.55
N ALA A 135 -23.71 1.44 7.94
CA ALA A 135 -23.69 0.03 7.60
C ALA A 135 -23.93 -0.20 6.12
N GLN A 136 -24.78 0.62 5.50
CA GLN A 136 -25.03 0.47 4.06
C GLN A 136 -23.72 0.69 3.36
N LEU A 137 -23.13 1.87 3.56
CA LEU A 137 -21.93 2.25 2.85
C LEU A 137 -20.88 1.16 3.00
N ASN A 138 -20.77 0.62 4.21
CA ASN A 138 -19.74 -0.36 4.52
C ASN A 138 -19.96 -1.73 3.84
N SER A 139 -21.19 -2.21 3.83
CA SER A 139 -21.44 -3.61 3.47
C SER A 139 -21.78 -3.75 1.99
N LYS A 140 -22.40 -2.71 1.43
CA LYS A 140 -22.73 -2.71 0.03
C LYS A 140 -21.57 -2.16 -0.82
N TYR A 141 -20.92 -1.10 -0.33
CA TYR A 141 -19.97 -0.37 -1.17
C TYR A 141 -18.58 -0.32 -0.54
N GLY A 142 -18.44 -0.96 0.61
CA GLY A 142 -17.16 -1.12 1.26
C GLY A 142 -16.55 0.21 1.68
N LYS A 143 -17.37 1.25 1.71
CA LYS A 143 -16.89 2.56 2.14
C LYS A 143 -17.00 2.72 3.65
N LYS A 144 -15.90 3.08 4.30
CA LYS A 144 -15.81 3.00 5.76
C LYS A 144 -15.72 4.39 6.36
N VAL A 145 -16.82 4.83 6.96
CA VAL A 145 -16.92 6.19 7.44
C VAL A 145 -17.30 6.15 8.92
N LEU A 146 -16.82 7.15 9.66
CA LEU A 146 -17.13 7.33 11.08
C LEU A 146 -16.54 6.23 11.95
N ILE A 147 -16.98 5.00 11.74
CA ILE A 147 -16.45 3.83 12.43
C ILE A 147 -16.18 2.79 11.37
N ASN A 148 -14.99 2.21 11.38
CA ASN A 148 -14.66 1.17 10.43
C ASN A 148 -14.81 -0.23 11.02
N LEU A 149 -15.91 -0.89 10.71
CA LEU A 149 -16.03 -2.30 10.98
C LEU A 149 -15.49 -3.08 9.79
N PHE A 150 -14.72 -4.12 10.06
CA PHE A 150 -14.13 -4.94 9.01
C PHE A 150 -13.91 -6.36 9.49
N VAL A 151 -14.45 -7.34 8.77
CA VAL A 151 -14.04 -8.70 9.00
C VAL A 151 -12.60 -8.82 8.58
N GLY A 152 -11.77 -9.37 9.46
CA GLY A 152 -10.37 -9.55 9.18
C GLY A 152 -9.88 -10.82 9.81
N THR A 153 -8.61 -11.14 9.60
CA THR A 153 -7.92 -12.19 10.33
C THR A 153 -7.70 -11.80 11.78
N ASP A 154 -7.56 -12.78 12.66
CA ASP A 154 -7.33 -12.52 14.07
C ASP A 154 -5.86 -12.58 14.42
N ASP A 155 -5.30 -11.47 14.89
CA ASP A 155 -3.87 -11.41 15.16
C ASP A 155 -3.39 -12.48 16.15
N LYS A 156 -4.30 -13.00 16.99
CA LYS A 156 -3.88 -13.93 18.03
C LYS A 156 -4.24 -15.39 17.70
N ASN A 157 -5.01 -15.59 16.65
CA ASN A 157 -5.18 -16.91 16.09
C ASN A 157 -5.36 -16.88 14.56
N SER A 158 -4.28 -17.14 13.84
CA SER A 158 -4.20 -16.79 12.42
C SER A 158 -5.09 -17.66 11.50
N VAL A 159 -5.77 -18.64 12.07
CA VAL A 159 -6.61 -19.54 11.29
C VAL A 159 -8.04 -19.05 11.32
N ASN A 160 -8.31 -18.09 12.20
CA ASN A 160 -9.67 -17.60 12.35
C ASN A 160 -9.84 -16.19 11.82
N HIS A 161 -11.10 -15.81 11.59
CA HIS A 161 -11.47 -14.45 11.27
C HIS A 161 -12.25 -13.80 12.44
N VAL A 162 -12.08 -12.49 12.62
CA VAL A 162 -12.88 -11.76 13.60
C VAL A 162 -13.47 -10.50 13.00
N ILE A 163 -14.45 -9.92 13.68
CA ILE A 163 -14.85 -8.56 13.39
C ILE A 163 -13.97 -7.54 14.11
N HIS A 164 -13.51 -6.55 13.35
CA HIS A 164 -12.61 -5.52 13.83
C HIS A 164 -13.40 -4.22 13.92
N ILE A 165 -13.05 -3.37 14.87
CA ILE A 165 -13.45 -1.97 14.83
C ILE A 165 -12.21 -1.11 14.90
N ASP A 166 -12.07 -0.20 13.94
CA ASP A 166 -10.93 0.71 13.93
C ASP A 166 -11.39 2.11 13.52
N GLN A 167 -10.53 3.10 13.72
CA GLN A 167 -10.77 4.44 13.21
C GLN A 167 -10.76 4.45 11.69
N PRO A 168 -11.59 5.28 11.08
CA PRO A 168 -11.66 5.35 9.62
C PRO A 168 -10.54 6.17 9.00
N ARG A 169 -10.30 6.00 7.70
CA ARG A 169 -9.44 6.87 6.91
C ARG A 169 -10.14 8.18 6.59
N LEU A 170 -9.36 9.21 6.26
CA LEU A 170 -9.91 10.52 6.00
C LEU A 170 -9.86 10.89 4.53
N GLY A 171 -10.52 11.99 4.18
CA GLY A 171 -10.64 12.41 2.79
C GLY A 171 -9.35 13.08 2.32
N LEU A 172 -8.59 13.63 3.25
CA LEU A 172 -7.21 14.00 2.97
C LEU A 172 -6.25 12.91 3.42
N PRO A 173 -5.05 12.94 2.89
CA PRO A 173 -4.05 11.87 3.04
C PRO A 173 -3.67 11.54 4.49
N SER A 174 -3.59 12.54 5.35
CA SER A 174 -3.25 12.28 6.75
C SER A 174 -3.91 13.27 7.70
N ARG A 175 -3.92 12.94 8.98
CA ARG A 175 -4.58 13.77 9.97
C ARG A 175 -3.91 15.15 10.03
N ASP A 176 -2.64 15.21 9.69
CA ASP A 176 -1.90 16.47 9.70
C ASP A 176 -2.51 17.50 8.76
N TYR A 177 -3.01 17.06 7.64
CA TYR A 177 -3.48 17.98 6.61
C TYR A 177 -4.52 18.93 7.21
N TYR A 178 -5.25 18.44 8.20
CA TYR A 178 -6.42 19.15 8.72
C TYR A 178 -6.01 20.34 9.59
N GLU A 179 -4.71 20.53 9.76
CA GLU A 179 -4.17 21.82 10.19
C GLU A 179 -4.57 22.92 9.22
N CYS A 180 -4.41 22.65 7.92
CA CYS A 180 -5.00 23.49 6.89
C CYS A 180 -4.33 24.85 6.83
N THR A 181 -3.10 24.92 7.32
CA THR A 181 -2.30 26.10 7.10
C THR A 181 -1.03 25.74 6.33
N GLY A 182 -0.28 26.77 5.96
CA GLY A 182 1.04 26.58 5.40
C GLY A 182 0.95 25.53 4.30
N ILE A 183 1.78 24.50 4.40
CA ILE A 183 1.97 23.61 3.28
C ILE A 183 0.70 22.84 3.02
N TYR A 184 -0.30 22.99 3.89
CA TYR A 184 -1.54 22.24 3.78
C TYR A 184 -2.72 23.08 3.26
N LYS A 185 -2.51 24.39 3.14
CA LYS A 185 -3.63 25.30 2.87
C LYS A 185 -4.31 24.98 1.54
N GLU A 186 -3.54 24.83 0.48
CA GLU A 186 -4.14 24.64 -0.82
C GLU A 186 -5.02 23.39 -0.77
N ALA A 187 -4.50 22.34 -0.14
CA ALA A 187 -5.17 21.06 -0.12
C ALA A 187 -6.53 21.21 0.53
N CYS A 188 -6.56 21.86 1.69
CA CYS A 188 -7.81 22.00 2.41
C CYS A 188 -8.76 22.85 1.58
N THR A 189 -8.21 23.85 0.90
CA THR A 189 -9.03 24.73 0.10
C THR A 189 -9.53 24.01 -1.15
N ALA A 190 -8.64 23.26 -1.79
CA ALA A 190 -9.04 22.48 -2.95
C ALA A 190 -10.08 21.41 -2.59
N TYR A 191 -9.99 20.84 -1.39
CA TYR A 191 -10.86 19.76 -0.95
C TYR A 191 -12.28 20.29 -0.82
N VAL A 192 -12.44 21.42 -0.15
CA VAL A 192 -13.78 21.92 0.09
C VAL A 192 -14.38 22.47 -1.20
N ASP A 193 -13.55 23.07 -2.06
CA ASP A 193 -14.01 23.56 -3.35
C ASP A 193 -14.54 22.40 -4.18
N PHE A 194 -13.95 21.23 -3.93
CA PHE A 194 -14.22 20.04 -4.70
C PHE A 194 -15.55 19.42 -4.25
N MET A 195 -15.74 19.28 -2.94
CA MET A 195 -17.07 19.20 -2.35
C MET A 195 -18.05 20.09 -3.04
N ILE A 196 -17.75 21.38 -3.02
CA ILE A 196 -18.68 22.37 -3.48
C ILE A 196 -18.98 22.11 -4.95
N SER A 197 -17.94 21.86 -5.72
CA SER A 197 -18.09 21.73 -7.15
C SER A 197 -18.94 20.50 -7.49
N VAL A 198 -18.76 19.42 -6.75
CA VAL A 198 -19.44 18.17 -7.08
C VAL A 198 -20.92 18.34 -6.77
N ALA A 199 -21.22 19.01 -5.65
CA ALA A 199 -22.59 19.20 -5.23
C ALA A 199 -23.33 20.15 -6.14
N ARG A 200 -22.61 21.09 -6.75
CA ARG A 200 -23.22 21.97 -7.74
C ARG A 200 -23.58 21.25 -9.02
N LEU A 201 -22.70 20.38 -9.50
CA LEU A 201 -22.99 19.62 -10.71
C LEU A 201 -24.27 18.81 -10.49
N ILE A 202 -24.35 18.12 -9.37
CA ILE A 202 -25.51 17.27 -9.12
C ILE A 202 -26.79 18.08 -9.08
N ARG A 203 -26.78 19.20 -8.35
CA ARG A 203 -27.97 20.04 -8.26
C ARG A 203 -28.37 20.49 -9.66
N GLN A 204 -27.37 20.89 -10.45
CA GLN A 204 -27.60 21.30 -11.83
C GLN A 204 -28.23 20.17 -12.63
N GLU A 205 -27.67 18.98 -12.52
CA GLU A 205 -28.13 17.85 -13.33
C GLU A 205 -29.51 17.42 -12.86
N GLU A 206 -29.79 17.65 -11.59
CA GLU A 206 -31.10 17.36 -11.03
C GLU A 206 -32.07 18.46 -11.41
N ARG A 207 -31.57 19.47 -12.11
CA ARG A 207 -32.13 20.81 -12.02
C ARG A 207 -32.67 21.04 -10.62
N LEU A 208 -31.78 21.35 -9.69
CA LEU A 208 -32.16 22.04 -8.47
C LEU A 208 -31.58 23.45 -8.48
N PRO A 209 -32.18 24.33 -7.69
CA PRO A 209 -31.69 25.70 -7.56
C PRO A 209 -30.40 25.77 -6.74
N ILE A 210 -29.54 26.72 -7.09
CA ILE A 210 -28.19 26.71 -6.60
C ILE A 210 -27.90 28.00 -5.86
N ASP A 211 -27.61 27.86 -4.57
CA ASP A 211 -27.32 28.99 -3.72
C ASP A 211 -25.92 28.83 -3.15
N GLU A 212 -24.97 29.50 -3.77
CA GLU A 212 -23.55 29.27 -3.50
C GLU A 212 -23.29 29.33 -2.00
N ASN A 213 -23.92 30.29 -1.34
CA ASN A 213 -23.59 30.57 0.06
C ASN A 213 -23.93 29.38 0.93
N GLN A 214 -25.07 28.76 0.64
CA GLN A 214 -25.52 27.61 1.41
C GLN A 214 -24.68 26.37 1.09
N LEU A 215 -24.20 26.27 -0.15
CA LEU A 215 -23.25 25.23 -0.51
C LEU A 215 -21.98 25.35 0.34
N ALA A 216 -21.38 26.52 0.31
CA ALA A 216 -20.23 26.81 1.15
C ALA A 216 -20.59 26.60 2.60
N LEU A 217 -21.80 27.03 2.96
CA LEU A 217 -22.30 26.85 4.31
C LEU A 217 -22.12 25.41 4.73
N GLU A 218 -22.63 24.51 3.91
CA GLU A 218 -22.79 23.11 4.31
C GLU A 218 -21.48 22.33 4.14
N MET A 219 -20.73 22.65 3.09
CA MET A 219 -19.47 21.98 2.86
C MET A 219 -18.38 22.42 3.86
N ASN A 220 -18.46 23.65 4.35
CA ASN A 220 -17.52 24.05 5.39
C ASN A 220 -17.83 23.28 6.67
N LYS A 221 -19.13 23.08 6.93
CA LYS A 221 -19.59 22.34 8.09
C LYS A 221 -19.10 20.90 8.03
N VAL A 222 -19.10 20.31 6.84
CA VAL A 222 -18.55 18.97 6.65
C VAL A 222 -17.06 18.91 6.99
N MET A 223 -16.33 19.94 6.57
CA MET A 223 -14.90 20.04 6.85
C MET A 223 -14.59 20.15 8.35
N GLU A 224 -15.40 20.92 9.08
CA GLU A 224 -15.09 21.14 10.48
C GLU A 224 -15.44 19.89 11.27
N LEU A 225 -16.45 19.16 10.82
CA LEU A 225 -16.68 17.80 11.29
C LEU A 225 -15.45 16.93 11.07
N GLU A 226 -14.90 16.94 9.86
CA GLU A 226 -13.84 16.00 9.57
C GLU A 226 -12.58 16.42 10.31
N LYS A 227 -12.40 17.73 10.45
CA LYS A 227 -11.32 18.27 11.26
C LYS A 227 -11.31 17.61 12.64
N GLU A 228 -12.47 17.63 13.30
CA GLU A 228 -12.61 17.03 14.62
C GLU A 228 -12.32 15.53 14.62
N ILE A 229 -12.92 14.81 13.68
CA ILE A 229 -12.66 13.38 13.55
C ILE A 229 -11.16 13.15 13.32
N ALA A 230 -10.54 14.06 12.57
CA ALA A 230 -9.10 13.96 12.34
C ALA A 230 -8.32 14.09 13.64
N ASN A 231 -8.73 15.05 14.48
CA ASN A 231 -7.97 15.37 15.68
C ASN A 231 -8.11 14.23 16.65
N ALA A 232 -9.20 13.48 16.50
CA ALA A 232 -9.56 12.40 17.40
C ALA A 232 -8.89 11.09 17.01
N THR A 233 -8.44 10.98 15.76
CA THR A 233 -7.73 9.77 15.35
C THR A 233 -6.35 9.72 16.00
N ALA A 234 -5.93 8.51 16.36
CA ALA A 234 -4.60 8.30 16.90
C ALA A 234 -3.57 8.40 15.79
N LYS A 235 -2.39 8.91 16.15
CA LYS A 235 -1.26 8.97 15.23
C LYS A 235 -0.81 7.57 14.88
N PRO A 236 -0.13 7.44 13.75
CA PRO A 236 0.62 6.22 13.38
C PRO A 236 1.61 5.77 14.44
N GLU A 237 2.36 6.71 15.01
CA GLU A 237 3.40 6.39 15.98
C GLU A 237 2.84 5.82 17.27
N ASP A 238 1.55 6.03 17.49
CA ASP A 238 0.88 5.53 18.68
C ASP A 238 0.00 4.34 18.28
N ARG A 239 0.15 3.88 17.03
CA ARG A 239 -0.63 2.76 16.50
C ARG A 239 0.31 1.62 16.15
N ASN A 240 1.57 1.75 16.52
CA ASN A 240 2.59 0.90 15.92
C ASN A 240 2.90 -0.33 16.77
N ASP A 241 2.23 -0.47 17.90
CA ASP A 241 2.47 -1.60 18.78
C ASP A 241 1.30 -2.56 18.80
N PRO A 242 1.48 -3.70 18.16
CA PRO A 242 0.36 -4.59 17.85
C PRO A 242 -0.20 -5.24 19.11
N MET A 243 0.61 -5.39 20.14
CA MET A 243 0.09 -5.81 21.45
C MET A 243 -0.73 -4.69 22.12
N LEU A 244 -0.27 -3.46 22.03
CA LEU A 244 -1.08 -2.33 22.47
C LEU A 244 -2.38 -2.28 21.68
N LEU A 245 -2.27 -2.55 20.38
CA LEU A 245 -3.36 -2.30 19.44
C LEU A 245 -4.49 -3.33 19.61
N TYR A 246 -4.14 -4.55 20.01
CA TYR A 246 -5.10 -5.65 20.10
C TYR A 246 -5.82 -5.72 21.46
N ASN A 247 -7.04 -5.19 21.49
CA ASN A 247 -7.90 -5.28 22.66
C ASN A 247 -9.23 -5.92 22.33
N LYS A 248 -9.42 -7.17 22.77
CA LYS A 248 -10.60 -7.94 22.37
C LYS A 248 -11.79 -7.81 23.34
N MET A 249 -12.92 -7.36 22.79
CA MET A 249 -14.13 -7.11 23.56
C MET A 249 -15.26 -7.94 22.99
N THR A 250 -16.29 -8.16 23.80
CA THR A 250 -17.63 -8.43 23.28
C THR A 250 -18.30 -7.14 22.90
N LEU A 251 -19.16 -7.20 21.89
CA LEU A 251 -20.14 -6.15 21.66
C LEU A 251 -20.66 -5.61 22.98
N ALA A 252 -20.92 -6.49 23.94
CA ALA A 252 -21.44 -6.07 25.22
C ALA A 252 -20.53 -5.02 25.83
N GLN A 253 -19.33 -5.43 26.21
CA GLN A 253 -18.36 -4.48 26.72
C GLN A 253 -18.42 -3.21 25.86
N ILE A 254 -18.46 -3.39 24.55
CA ILE A 254 -18.32 -2.26 23.64
C ILE A 254 -19.46 -1.28 23.86
N GLN A 255 -20.67 -1.79 23.89
CA GLN A 255 -21.86 -0.96 24.07
C GLN A 255 -21.83 -0.21 25.39
N ASN A 256 -21.17 -0.79 26.39
CA ASN A 256 -21.18 -0.25 27.74
C ASN A 256 -19.89 0.52 28.06
N ASN A 257 -18.89 0.38 27.19
CA ASN A 257 -17.62 1.07 27.39
C ASN A 257 -17.35 2.13 26.33
N PHE A 258 -18.15 2.15 25.27
CA PHE A 258 -17.91 3.05 24.14
C PHE A 258 -19.22 3.51 23.53
N SER A 259 -20.07 4.11 24.36
CA SER A 259 -21.37 4.59 23.92
C SER A 259 -21.21 5.74 22.94
N LEU A 260 -22.16 5.85 22.02
CA LEU A 260 -22.27 7.02 21.16
C LEU A 260 -23.71 7.50 21.13
N GLU A 261 -23.90 8.81 21.12
CA GLU A 261 -25.22 9.38 20.88
C GLU A 261 -25.25 10.13 19.55
N ILE A 262 -25.78 9.46 18.54
CA ILE A 262 -25.87 10.05 17.22
C ILE A 262 -27.29 10.52 17.00
N ASN A 263 -27.45 11.82 16.76
CA ASN A 263 -28.75 12.38 16.48
C ASN A 263 -29.60 12.38 17.74
N GLY A 264 -29.75 11.22 18.34
CA GLY A 264 -30.58 11.07 19.53
C GLY A 264 -31.05 9.64 19.66
N LYS A 265 -30.39 8.88 20.52
CA LYS A 265 -30.48 7.44 20.47
C LYS A 265 -30.28 6.81 21.85
N PRO A 266 -29.05 6.40 22.15
CA PRO A 266 -27.94 6.45 21.20
C PRO A 266 -27.69 5.10 20.53
N PHE A 267 -26.42 4.78 20.33
CA PHE A 267 -25.99 4.00 19.16
C PHE A 267 -26.07 2.53 19.51
N SER A 268 -26.70 1.73 18.66
CA SER A 268 -26.78 0.29 18.91
C SER A 268 -25.70 -0.45 18.15
N TRP A 269 -24.63 -0.77 18.85
CA TRP A 269 -23.54 -1.52 18.24
C TRP A 269 -24.07 -2.85 17.67
N LEU A 270 -24.90 -3.53 18.46
CA LEU A 270 -25.58 -4.75 18.02
C LEU A 270 -26.34 -4.53 16.73
N ASN A 271 -27.03 -3.41 16.64
CA ASN A 271 -27.82 -3.09 15.48
C ASN A 271 -26.93 -2.79 14.28
N PHE A 272 -25.99 -1.88 14.49
CA PHE A 272 -24.93 -1.59 13.54
C PHE A 272 -24.28 -2.87 13.03
N THR A 273 -23.85 -3.74 13.94
CA THR A 273 -23.05 -4.89 13.53
C THR A 273 -23.87 -5.92 12.75
N ASN A 274 -25.18 -5.94 12.98
CA ASN A 274 -26.08 -6.85 12.28
C ASN A 274 -26.56 -6.32 10.93
N GLU A 275 -26.69 -5.00 10.80
CA GLU A 275 -27.01 -4.40 9.51
C GLU A 275 -25.93 -4.71 8.50
N ILE A 276 -24.69 -4.85 8.98
CA ILE A 276 -23.58 -5.21 8.13
C ILE A 276 -23.63 -6.70 7.85
N MET A 277 -23.49 -7.50 8.91
CA MET A 277 -23.40 -8.95 8.78
C MET A 277 -24.66 -9.52 8.16
N SER A 278 -25.79 -8.85 8.38
CA SER A 278 -27.05 -9.29 7.81
C SER A 278 -26.89 -9.47 6.33
N THR A 279 -25.99 -8.70 5.74
CA THR A 279 -25.95 -8.53 4.31
C THR A 279 -25.50 -9.83 3.70
N VAL A 280 -24.98 -10.70 4.55
CA VAL A 280 -24.59 -12.04 4.14
C VAL A 280 -25.20 -13.11 5.06
N ASN A 281 -26.42 -12.89 5.51
CA ASN A 281 -27.15 -13.93 6.25
C ASN A 281 -26.30 -14.49 7.39
N ILE A 282 -25.65 -13.62 8.15
CA ILE A 282 -24.98 -14.04 9.38
C ILE A 282 -25.48 -13.26 10.59
N SER A 283 -25.43 -13.93 11.74
CA SER A 283 -26.14 -13.49 12.92
C SER A 283 -25.15 -13.22 14.03
N ILE A 284 -25.30 -12.09 14.70
CA ILE A 284 -24.29 -11.61 15.64
C ILE A 284 -24.87 -11.38 17.02
N THR A 285 -24.30 -12.08 18.00
CA THR A 285 -24.67 -11.90 19.39
C THR A 285 -23.93 -10.73 20.00
N ASN A 286 -24.66 -9.91 20.77
CA ASN A 286 -24.04 -9.01 21.74
C ASN A 286 -22.96 -9.70 22.58
N GLU A 287 -22.79 -11.00 22.39
CA GLU A 287 -21.74 -11.73 23.09
C GLU A 287 -20.61 -12.08 22.14
N GLU A 288 -20.74 -11.63 20.89
CA GLU A 288 -19.72 -11.78 19.87
C GLU A 288 -18.41 -11.09 20.25
N ASP A 289 -17.29 -11.72 19.96
CA ASP A 289 -15.99 -11.12 20.22
C ASP A 289 -15.61 -10.15 19.12
N VAL A 290 -14.98 -9.04 19.52
CA VAL A 290 -14.55 -8.04 18.55
C VAL A 290 -13.17 -7.51 18.91
N VAL A 291 -12.32 -7.37 17.91
CA VAL A 291 -11.00 -6.80 18.14
C VAL A 291 -11.06 -5.31 17.86
N VAL A 292 -10.74 -4.52 18.89
CA VAL A 292 -10.91 -3.08 18.83
C VAL A 292 -9.57 -2.38 18.75
N TYR A 293 -9.29 -1.76 17.61
CA TYR A 293 -7.98 -1.17 17.34
C TYR A 293 -7.89 0.28 17.85
N ALA A 294 -9.03 0.88 18.18
CA ALA A 294 -9.12 2.34 18.26
C ALA A 294 -10.04 2.77 19.40
N PRO A 295 -9.84 2.17 20.56
CA PRO A 295 -10.63 2.48 21.76
C PRO A 295 -10.68 3.98 22.03
N GLU A 296 -9.53 4.63 22.02
CA GLU A 296 -9.47 6.02 22.42
C GLU A 296 -10.26 6.87 21.44
N TYR A 297 -10.23 6.47 20.18
CA TYR A 297 -10.88 7.24 19.14
C TYR A 297 -12.38 7.15 19.35
N LEU A 298 -12.85 5.97 19.74
CA LEU A 298 -14.27 5.79 20.01
C LEU A 298 -14.70 6.66 21.18
N THR A 299 -14.01 6.49 22.31
CA THR A 299 -14.13 7.43 23.43
C THR A 299 -14.32 8.84 22.89
N LYS A 300 -13.32 9.31 22.14
CA LYS A 300 -13.25 10.72 21.78
C LYS A 300 -14.41 11.09 20.87
N LEU A 301 -14.95 10.08 20.18
CA LEU A 301 -15.98 10.29 19.18
C LEU A 301 -17.27 10.82 19.81
N LYS A 302 -17.56 10.35 21.03
CA LYS A 302 -18.85 10.60 21.66
C LYS A 302 -19.23 12.08 21.64
N PRO A 303 -18.44 12.93 22.30
CA PRO A 303 -18.77 14.36 22.39
C PRO A 303 -18.80 15.02 21.02
N ILE A 304 -18.04 14.48 20.07
CA ILE A 304 -18.00 15.07 18.73
C ILE A 304 -19.34 14.87 18.06
N LEU A 305 -19.76 13.61 18.00
CA LEU A 305 -20.95 13.22 17.26
C LEU A 305 -22.18 13.96 17.79
N THR A 306 -22.31 14.01 19.11
CA THR A 306 -23.51 14.56 19.75
C THR A 306 -23.80 15.97 19.27
N LYS A 307 -22.88 16.53 18.49
CA LYS A 307 -22.83 17.97 18.29
C LYS A 307 -23.31 18.35 16.89
N TYR A 308 -23.53 17.34 16.05
CA TYR A 308 -23.79 17.58 14.64
C TYR A 308 -25.14 16.99 14.25
N SER A 309 -25.77 17.50 13.21
CA SER A 309 -27.01 16.91 12.73
C SER A 309 -26.76 15.56 12.07
N ALA A 310 -27.83 14.80 11.90
CA ALA A 310 -27.89 13.73 10.90
C ALA A 310 -27.54 14.25 9.50
N ARG A 311 -27.98 15.47 9.21
CA ARG A 311 -27.67 16.10 7.94
C ARG A 311 -26.17 16.33 7.79
N ASP A 312 -25.57 16.91 8.82
CA ASP A 312 -24.14 17.14 8.79
C ASP A 312 -23.44 15.81 8.58
N LEU A 313 -23.85 14.81 9.35
CA LEU A 313 -23.15 13.53 9.38
C LEU A 313 -23.21 12.92 7.98
N GLN A 314 -24.40 12.95 7.40
CA GLN A 314 -24.64 12.24 6.15
C GLN A 314 -23.99 12.98 5.02
N ASN A 315 -23.81 14.27 5.20
CA ASN A 315 -23.16 15.10 4.20
C ASN A 315 -21.68 14.76 4.09
N LEU A 316 -21.03 14.52 5.21
CA LEU A 316 -19.67 13.99 5.21
C LEU A 316 -19.67 12.56 4.71
N MET A 317 -20.61 11.76 5.21
CA MET A 317 -20.55 10.32 5.00
C MET A 317 -20.66 9.99 3.52
N SER A 318 -21.60 10.66 2.84
CA SER A 318 -21.86 10.40 1.43
C SER A 318 -20.73 10.93 0.55
N TRP A 319 -20.23 12.12 0.90
CA TRP A 319 -19.14 12.74 0.15
C TRP A 319 -17.88 11.91 0.10
N ARG A 320 -17.71 11.06 1.11
CA ARG A 320 -16.48 10.29 1.22
C ARG A 320 -16.52 9.09 0.25
N PHE A 321 -17.73 8.67 -0.11
CA PHE A 321 -17.94 7.72 -1.20
C PHE A 321 -17.92 8.42 -2.56
N ILE A 322 -18.72 9.49 -2.68
CA ILE A 322 -18.77 10.29 -3.90
C ILE A 322 -17.37 10.73 -4.36
N MET A 323 -16.61 11.35 -3.47
CA MET A 323 -15.17 11.49 -3.66
C MET A 323 -14.65 10.52 -4.73
N ASP A 324 -14.98 9.25 -4.55
CA ASP A 324 -14.21 8.18 -5.17
C ASP A 324 -14.85 7.73 -6.47
N LEU A 325 -16.04 8.26 -6.76
CA LEU A 325 -16.86 7.77 -7.87
C LEU A 325 -16.74 8.68 -9.07
N VAL A 326 -16.36 9.92 -8.80
CA VAL A 326 -16.66 10.99 -9.73
C VAL A 326 -15.71 10.90 -10.91
N SER A 327 -14.57 10.23 -10.72
CA SER A 327 -13.65 10.04 -11.84
C SER A 327 -14.05 8.83 -12.68
N SER A 328 -15.12 8.14 -12.30
CA SER A 328 -15.70 7.10 -13.15
C SER A 328 -16.94 7.63 -13.89
N LEU A 329 -17.21 8.91 -13.75
CA LEU A 329 -18.30 9.54 -14.48
C LEU A 329 -17.75 10.32 -15.67
N SER A 330 -18.61 11.16 -16.25
CA SER A 330 -18.28 11.90 -17.45
C SER A 330 -17.21 12.96 -17.18
N ARG A 331 -16.79 13.64 -18.25
CA ARG A 331 -15.59 14.46 -18.23
C ARG A 331 -15.78 15.64 -17.27
N THR A 332 -16.99 16.17 -17.22
CA THR A 332 -17.33 17.27 -16.32
C THR A 332 -17.20 16.86 -14.85
N TYR A 333 -17.54 15.61 -14.56
CA TYR A 333 -17.34 15.09 -13.23
C TYR A 333 -15.86 14.83 -13.00
N LYS A 334 -15.21 14.25 -14.01
CA LYS A 334 -13.75 14.07 -13.95
C LYS A 334 -13.10 15.39 -13.58
N GLU A 335 -13.52 16.47 -14.24
CA GLU A 335 -12.82 17.76 -14.19
C GLU A 335 -12.82 18.38 -12.81
N SER A 336 -13.86 18.11 -12.02
CA SER A 336 -14.03 18.78 -10.74
C SER A 336 -13.00 18.34 -9.74
N ARG A 337 -12.28 17.26 -10.08
CA ARG A 337 -11.26 16.73 -9.20
C ARG A 337 -9.94 17.46 -9.40
N ASN A 338 -9.86 18.28 -10.44
CA ASN A 338 -8.58 18.66 -11.02
C ASN A 338 -7.65 19.23 -9.97
N ALA A 339 -8.11 20.24 -9.26
CA ALA A 339 -7.25 21.01 -8.38
C ALA A 339 -6.92 20.26 -7.09
N PHE A 340 -7.83 19.39 -6.66
CA PHE A 340 -7.63 18.57 -5.47
C PHE A 340 -6.50 17.55 -5.65
N ARG A 341 -6.50 16.86 -6.78
CA ARG A 341 -5.43 15.88 -6.99
C ARG A 341 -4.09 16.58 -7.26
N LYS A 342 -4.12 17.76 -7.89
CA LYS A 342 -2.91 18.58 -7.99
C LYS A 342 -2.36 18.93 -6.62
N ALA A 343 -3.23 19.34 -5.72
CA ALA A 343 -2.81 19.66 -4.37
C ALA A 343 -2.20 18.47 -3.60
N LEU A 344 -2.74 17.27 -3.79
CA LEU A 344 -2.24 16.12 -3.05
C LEU A 344 -1.04 15.49 -3.75
N TYR A 345 -1.00 15.62 -5.07
CA TYR A 345 -0.16 14.77 -5.90
C TYR A 345 0.76 15.56 -6.82
N GLY A 346 0.39 16.80 -7.14
CA GLY A 346 1.21 17.65 -7.98
C GLY A 346 1.11 17.36 -9.46
N THR A 347 0.22 16.44 -9.83
CA THR A 347 0.01 16.07 -11.22
C THR A 347 -0.96 17.05 -11.89
N THR A 348 -0.79 17.28 -13.19
CA THR A 348 -1.59 18.27 -13.89
C THR A 348 -2.57 17.60 -14.83
N SER A 349 -2.52 16.28 -14.91
CA SER A 349 -3.45 15.54 -15.76
C SER A 349 -3.64 14.10 -15.24
N GLU A 350 -4.77 13.50 -15.59
CA GLU A 350 -4.96 12.06 -15.47
C GLU A 350 -3.94 11.29 -16.28
N THR A 351 -3.44 10.18 -15.71
CA THR A 351 -2.77 9.11 -16.47
C THR A 351 -3.63 8.61 -17.61
N ALA A 352 -2.99 8.00 -18.62
CA ALA A 352 -3.71 7.51 -19.78
C ALA A 352 -4.84 6.58 -19.35
N THR A 353 -5.96 6.67 -20.03
CA THR A 353 -7.15 5.91 -19.69
C THR A 353 -6.89 4.40 -19.79
N TRP A 354 -6.14 3.99 -20.79
CA TRP A 354 -5.80 2.59 -20.95
C TRP A 354 -4.96 2.05 -19.76
N ARG A 355 -4.09 2.90 -19.22
CA ARG A 355 -3.27 2.49 -18.07
C ARG A 355 -4.11 2.40 -16.81
N ARG A 356 -4.95 3.41 -16.57
CA ARG A 356 -5.83 3.43 -15.40
C ARG A 356 -6.66 2.18 -15.42
N CYS A 357 -7.11 1.86 -16.64
CA CYS A 357 -8.05 0.78 -16.85
C CYS A 357 -7.35 -0.56 -16.75
N ALA A 358 -6.16 -0.65 -17.32
CA ALA A 358 -5.33 -1.83 -17.18
C ALA A 358 -5.11 -2.15 -15.72
N ASN A 359 -4.87 -1.11 -14.91
CA ASN A 359 -4.53 -1.29 -13.49
C ASN A 359 -5.78 -1.65 -12.70
N TYR A 360 -6.90 -1.04 -13.05
CA TYR A 360 -8.14 -1.32 -12.35
C TYR A 360 -8.57 -2.79 -12.51
N VAL A 361 -8.60 -3.28 -13.74
CA VAL A 361 -8.86 -4.69 -13.98
C VAL A 361 -7.88 -5.62 -13.24
N ASN A 362 -6.59 -5.33 -13.31
CA ASN A 362 -5.61 -6.03 -12.48
C ASN A 362 -6.03 -6.01 -11.01
N GLY A 363 -6.48 -4.85 -10.53
CA GLY A 363 -6.89 -4.71 -9.15
C GLY A 363 -7.99 -5.67 -8.77
N ASN A 364 -8.93 -5.90 -9.70
CA ASN A 364 -10.19 -6.51 -9.35
C ASN A 364 -10.22 -7.98 -9.82
N MET A 365 -9.26 -8.35 -10.67
CA MET A 365 -9.22 -9.68 -11.25
C MET A 365 -7.79 -10.13 -11.34
N GLU A 366 -7.11 -10.11 -10.20
CA GLU A 366 -5.66 -10.13 -10.16
C GLU A 366 -5.13 -11.49 -10.62
N ASN A 367 -5.89 -12.55 -10.41
CA ASN A 367 -5.40 -13.87 -10.82
C ASN A 367 -5.57 -14.08 -12.30
N ALA A 368 -6.72 -13.68 -12.81
CA ALA A 368 -6.97 -13.69 -14.24
C ALA A 368 -5.97 -12.79 -14.98
N VAL A 369 -5.95 -11.50 -14.69
CA VAL A 369 -4.95 -10.64 -15.31
C VAL A 369 -3.56 -11.26 -15.14
N GLY A 370 -3.33 -11.90 -14.00
CA GLY A 370 -2.01 -12.41 -13.68
C GLY A 370 -1.62 -13.62 -14.54
N ARG A 371 -2.60 -14.50 -14.80
CA ARG A 371 -2.38 -15.58 -15.74
C ARG A 371 -1.86 -15.01 -17.06
N LEU A 372 -2.48 -13.96 -17.54
CA LEU A 372 -2.16 -13.47 -18.87
C LEU A 372 -0.74 -12.92 -18.84
N TYR A 373 -0.42 -12.20 -17.77
CA TYR A 373 0.85 -11.50 -17.68
C TYR A 373 1.97 -12.51 -17.73
N VAL A 374 1.76 -13.61 -17.03
CA VAL A 374 2.82 -14.58 -16.87
C VAL A 374 3.05 -15.28 -18.21
N GLU A 375 1.97 -15.63 -18.90
CA GLU A 375 2.07 -16.26 -20.22
C GLU A 375 2.86 -15.39 -21.19
N ALA A 376 2.62 -14.08 -21.16
CA ALA A 376 3.29 -13.20 -22.10
C ALA A 376 4.74 -12.97 -21.71
N ALA A 377 5.02 -12.83 -20.41
CA ALA A 377 6.16 -12.03 -19.97
C ALA A 377 7.09 -12.74 -18.99
N PHE A 378 6.65 -13.88 -18.44
CA PHE A 378 7.41 -14.53 -17.37
C PHE A 378 7.89 -15.95 -17.71
N ALA A 379 9.19 -16.18 -17.55
CA ALA A 379 9.89 -17.22 -18.31
C ALA A 379 9.57 -18.63 -17.77
N GLY A 380 9.54 -18.77 -16.45
CA GLY A 380 9.16 -20.03 -15.83
C GLY A 380 10.29 -20.68 -15.07
N GLU A 381 11.53 -20.33 -15.40
CA GLU A 381 12.70 -20.83 -14.69
C GLU A 381 13.35 -19.75 -13.83
N SER A 382 13.01 -18.50 -14.10
CA SER A 382 13.36 -17.44 -13.17
C SER A 382 13.06 -17.94 -11.77
N LYS A 383 11.98 -18.71 -11.63
CA LYS A 383 11.35 -18.93 -10.35
C LYS A 383 12.07 -20.01 -9.55
N HIS A 384 12.70 -20.95 -10.25
CA HIS A 384 13.64 -21.87 -9.63
C HIS A 384 14.88 -21.18 -9.08
N VAL A 385 15.44 -20.24 -9.83
CA VAL A 385 16.64 -19.56 -9.38
C VAL A 385 16.32 -18.71 -8.14
N VAL A 386 15.16 -18.07 -8.16
CA VAL A 386 14.72 -17.29 -7.03
C VAL A 386 14.47 -18.14 -5.78
N GLU A 387 13.75 -19.26 -5.94
CA GLU A 387 13.64 -20.26 -4.85
C GLU A 387 14.98 -20.52 -4.17
N ASP A 388 16.03 -20.72 -4.97
CA ASP A 388 17.32 -21.04 -4.41
C ASP A 388 17.99 -19.85 -3.72
N LEU A 389 17.82 -18.67 -4.30
CA LEU A 389 18.26 -17.43 -3.65
C LEU A 389 17.59 -17.26 -2.29
N ILE A 390 16.30 -17.53 -2.23
CA ILE A 390 15.56 -17.38 -0.99
C ILE A 390 16.04 -18.34 0.08
N ALA A 391 16.36 -19.57 -0.33
CA ALA A 391 17.02 -20.53 0.55
C ALA A 391 18.36 -19.99 1.05
N GLN A 392 19.13 -19.39 0.16
CA GLN A 392 20.44 -18.87 0.56
C GLN A 392 20.26 -17.78 1.63
N ILE A 393 19.40 -16.81 1.34
CA ILE A 393 19.26 -15.67 2.20
C ILE A 393 18.61 -16.04 3.54
N ARG A 394 17.66 -16.97 3.52
CA ARG A 394 17.08 -17.42 4.78
C ARG A 394 18.13 -18.10 5.67
N GLU A 395 19.06 -18.80 5.05
CA GLU A 395 20.13 -19.46 5.77
C GLU A 395 21.06 -18.43 6.41
N VAL A 396 21.41 -17.40 5.64
CA VAL A 396 22.26 -16.31 6.11
C VAL A 396 21.66 -15.62 7.34
N PHE A 397 20.39 -15.27 7.26
CA PHE A 397 19.72 -14.67 8.40
C PHE A 397 19.98 -15.52 9.65
N ILE A 398 19.62 -16.80 9.57
CA ILE A 398 19.85 -17.74 10.66
C ILE A 398 21.28 -17.69 11.19
N GLN A 399 22.25 -17.88 10.30
CA GLN A 399 23.67 -17.72 10.62
C GLN A 399 23.92 -16.52 11.54
N THR A 400 23.48 -15.36 11.10
CA THR A 400 23.88 -14.07 11.66
C THR A 400 23.37 -13.97 13.08
N LEU A 401 22.34 -14.75 13.37
CA LEU A 401 21.78 -14.82 14.71
C LEU A 401 22.89 -15.07 15.72
N ASP A 402 23.95 -15.75 15.29
CA ASP A 402 25.03 -16.12 16.19
C ASP A 402 25.92 -14.93 16.50
N ASP A 403 26.06 -14.00 15.56
CA ASP A 403 27.01 -12.91 15.71
C ASP A 403 26.33 -11.65 16.27
N LEU A 404 25.04 -11.76 16.53
CA LEU A 404 24.29 -10.61 17.02
C LEU A 404 24.31 -10.59 18.54
N THR A 405 24.97 -9.59 19.11
CA THR A 405 25.33 -9.62 20.53
C THR A 405 24.20 -9.10 21.44
N TRP A 406 23.07 -8.71 20.86
CA TRP A 406 22.05 -8.00 21.62
C TRP A 406 20.83 -8.86 21.89
N MET A 407 20.89 -10.13 21.48
CA MET A 407 19.87 -11.09 21.87
C MET A 407 20.45 -12.12 22.82
N ASP A 408 19.59 -12.75 23.60
CA ASP A 408 19.97 -13.86 24.45
C ASP A 408 19.70 -15.16 23.74
N ALA A 409 20.31 -16.23 24.23
CA ALA A 409 20.31 -17.52 23.59
C ALA A 409 18.91 -17.97 23.25
N GLU A 410 18.01 -18.02 24.22
CA GLU A 410 16.69 -18.56 23.93
C GLU A 410 16.05 -17.75 22.80
N THR A 411 16.27 -16.44 22.82
CA THR A 411 15.59 -15.56 21.88
C THR A 411 16.08 -15.85 20.47
N LYS A 412 17.40 -15.93 20.32
CA LYS A 412 17.98 -16.38 19.05
C LYS A 412 17.25 -17.62 18.56
N LYS A 413 17.10 -18.61 19.44
CA LYS A 413 16.60 -19.91 19.03
C LYS A 413 15.21 -19.77 18.45
N ARG A 414 14.37 -18.99 19.11
CA ARG A 414 13.02 -18.77 18.62
C ARG A 414 13.06 -18.02 17.30
N ALA A 415 14.04 -17.13 17.16
CA ALA A 415 14.17 -16.36 15.95
C ALA A 415 14.48 -17.29 14.77
N GLU A 416 15.32 -18.28 15.02
CA GLU A 416 15.66 -19.26 14.00
C GLU A 416 14.43 -20.10 13.68
N GLU A 417 13.77 -20.56 14.74
CA GLU A 417 12.46 -21.17 14.63
C GLU A 417 11.59 -20.47 13.60
N LYS A 418 11.27 -19.21 13.87
CA LYS A 418 10.26 -18.49 13.09
C LYS A 418 10.75 -18.39 11.64
N ALA A 419 12.05 -18.23 11.49
CA ALA A 419 12.67 -18.09 10.19
C ALA A 419 12.57 -19.37 9.37
N LEU A 420 12.85 -20.50 10.01
CA LEU A 420 12.68 -21.80 9.36
C LEU A 420 11.25 -21.95 8.86
N ALA A 421 10.35 -21.25 9.54
CA ALA A 421 8.92 -21.45 9.30
C ALA A 421 8.37 -20.51 8.22
N ILE A 422 9.19 -19.58 7.75
CA ILE A 422 8.73 -18.73 6.66
C ILE A 422 8.46 -19.55 5.43
N LYS A 423 7.37 -19.24 4.76
CA LYS A 423 7.01 -19.97 3.57
C LYS A 423 6.84 -19.00 2.42
N GLU A 424 7.38 -19.39 1.28
CA GLU A 424 7.77 -18.43 0.25
C GLU A 424 6.85 -18.59 -0.93
N ARG A 425 6.54 -17.48 -1.58
CA ARG A 425 5.59 -17.44 -2.69
C ARG A 425 6.27 -16.75 -3.84
N ILE A 426 6.48 -17.46 -4.94
CA ILE A 426 7.41 -17.01 -5.96
C ILE A 426 6.71 -16.96 -7.30
N GLY A 427 6.63 -15.76 -7.87
CA GLY A 427 6.25 -15.62 -9.26
C GLY A 427 4.74 -15.56 -9.43
N TYR A 428 4.12 -16.73 -9.45
CA TYR A 428 2.67 -16.83 -9.52
C TYR A 428 2.25 -18.20 -9.00
N PRO A 429 0.97 -18.37 -8.70
CA PRO A 429 0.45 -19.70 -8.34
C PRO A 429 0.04 -20.50 -9.57
N ASP A 430 0.70 -21.62 -9.79
CA ASP A 430 0.43 -22.48 -10.94
C ASP A 430 -1.06 -22.69 -11.20
N ASP A 431 -1.86 -22.74 -10.14
CA ASP A 431 -3.30 -22.86 -10.30
C ASP A 431 -3.82 -22.00 -11.44
N ILE A 432 -3.37 -20.74 -11.49
CA ILE A 432 -4.07 -19.75 -12.31
C ILE A 432 -3.79 -20.04 -13.77
N VAL A 433 -2.83 -20.91 -14.04
CA VAL A 433 -2.63 -21.38 -15.40
C VAL A 433 -3.21 -22.77 -15.67
N SER A 434 -3.10 -23.67 -14.70
CA SER A 434 -3.35 -25.09 -14.96
C SER A 434 -4.80 -25.47 -14.66
N ASN A 435 -5.46 -24.66 -13.87
CA ASN A 435 -6.77 -25.01 -13.36
C ASN A 435 -7.85 -24.01 -13.78
N ASP A 436 -8.42 -24.24 -14.96
CA ASP A 436 -9.31 -23.29 -15.57
C ASP A 436 -10.56 -23.12 -14.70
N ASN A 437 -11.19 -24.24 -14.35
CA ASN A 437 -12.37 -24.22 -13.47
C ASN A 437 -12.21 -23.27 -12.29
N LYS A 438 -11.09 -23.40 -11.59
CA LYS A 438 -10.90 -22.64 -10.37
C LYS A 438 -10.84 -21.15 -10.65
N LEU A 439 -10.35 -20.78 -11.84
CA LEU A 439 -10.16 -19.36 -12.16
C LEU A 439 -11.49 -18.82 -12.63
N ASN A 440 -12.17 -19.56 -13.49
CA ASN A 440 -13.53 -19.19 -13.85
C ASN A 440 -14.41 -19.05 -12.61
N ASN A 441 -14.26 -19.94 -11.64
CA ASN A 441 -15.17 -19.98 -10.49
C ASN A 441 -14.94 -18.85 -9.48
N GLU A 442 -13.74 -18.28 -9.45
CA GLU A 442 -13.50 -17.11 -8.62
C GLU A 442 -14.31 -15.92 -9.11
N TYR A 443 -14.65 -15.91 -10.39
CA TYR A 443 -15.37 -14.77 -10.98
C TYR A 443 -16.77 -15.14 -11.46
N LEU A 444 -17.22 -16.34 -11.09
CA LEU A 444 -18.54 -16.82 -11.50
C LEU A 444 -19.59 -15.75 -11.26
N GLU A 445 -19.59 -15.17 -10.08
CA GLU A 445 -20.74 -14.41 -9.65
C GLU A 445 -20.72 -13.06 -10.35
N LEU A 446 -19.66 -12.78 -11.09
CA LEU A 446 -19.57 -11.52 -11.81
C LEU A 446 -20.08 -11.64 -13.23
N ASN A 447 -20.75 -10.59 -13.69
CA ASN A 447 -21.23 -10.51 -15.05
C ASN A 447 -21.24 -9.06 -15.52
N TYR A 448 -20.35 -8.73 -16.45
CA TYR A 448 -20.07 -7.35 -16.78
C TYR A 448 -20.80 -6.97 -18.06
N LYS A 449 -21.23 -5.72 -18.15
CA LYS A 449 -21.77 -5.20 -19.41
C LYS A 449 -20.88 -4.13 -20.01
N GLU A 450 -20.59 -4.27 -21.30
CA GLU A 450 -19.45 -3.60 -21.90
C GLU A 450 -19.72 -2.10 -22.03
N ASP A 451 -20.99 -1.72 -21.91
CA ASP A 451 -21.40 -0.34 -22.07
C ASP A 451 -21.80 0.29 -20.74
N GLU A 452 -21.52 -0.41 -19.65
CA GLU A 452 -21.93 0.06 -18.34
C GLU A 452 -20.77 -0.05 -17.35
N TYR A 453 -19.71 0.71 -17.59
CA TYR A 453 -18.55 0.70 -16.71
C TYR A 453 -18.95 0.99 -15.26
N PHE A 454 -19.83 1.96 -15.04
CA PHE A 454 -20.19 2.37 -13.68
C PHE A 454 -20.98 1.28 -12.95
N GLU A 455 -21.95 0.68 -13.62
CA GLU A 455 -22.55 -0.53 -13.10
C GLU A 455 -21.48 -1.55 -12.73
N ASN A 456 -20.49 -1.73 -13.60
CA ASN A 456 -19.52 -2.78 -13.40
C ASN A 456 -18.77 -2.55 -12.11
N ILE A 457 -18.31 -1.31 -11.88
CA ILE A 457 -17.44 -1.06 -10.74
C ILE A 457 -18.24 -1.03 -9.44
N ILE A 458 -19.46 -0.51 -9.48
CA ILE A 458 -20.37 -0.77 -8.38
C ILE A 458 -20.37 -2.28 -8.04
N GLN A 459 -20.62 -3.11 -9.04
CA GLN A 459 -20.75 -4.54 -8.79
C GLN A 459 -19.49 -5.11 -8.12
N ASN A 460 -18.31 -4.72 -8.62
CA ASN A 460 -17.07 -5.18 -8.00
C ASN A 460 -16.96 -4.76 -6.52
N LEU A 461 -17.43 -3.57 -6.16
CA LEU A 461 -17.39 -3.17 -4.75
C LEU A 461 -18.27 -4.11 -3.91
N LYS A 462 -19.48 -4.40 -4.38
CA LYS A 462 -20.41 -5.31 -3.71
C LYS A 462 -19.84 -6.71 -3.56
N PHE A 463 -19.36 -7.25 -4.66
CA PHE A 463 -18.78 -8.57 -4.66
C PHE A 463 -17.64 -8.65 -3.65
N SER A 464 -16.73 -7.68 -3.74
CA SER A 464 -15.57 -7.60 -2.88
C SER A 464 -15.99 -7.69 -1.42
N GLN A 465 -16.99 -6.91 -1.07
CA GLN A 465 -17.35 -6.74 0.31
C GLN A 465 -18.15 -7.94 0.82
N SER A 466 -19.08 -8.42 0.01
CA SER A 466 -19.72 -9.71 0.25
C SER A 466 -18.68 -10.80 0.56
N LYS A 467 -17.68 -10.92 -0.31
CA LYS A 467 -16.66 -11.95 -0.14
C LYS A 467 -16.07 -11.90 1.25
N GLN A 468 -15.63 -10.72 1.65
CA GLN A 468 -14.78 -10.56 2.83
C GLN A 468 -15.58 -10.93 4.07
N LEU A 469 -16.79 -10.41 4.17
CA LEU A 469 -17.58 -10.53 5.40
C LEU A 469 -17.98 -11.97 5.67
N LYS A 470 -18.12 -12.76 4.61
CA LYS A 470 -18.56 -14.14 4.78
C LYS A 470 -17.41 -15.03 5.26
N LYS A 471 -16.22 -14.46 5.40
CA LYS A 471 -15.10 -15.17 5.98
C LYS A 471 -15.21 -15.30 7.50
N LEU A 472 -16.17 -14.60 8.11
CA LEU A 472 -16.19 -14.45 9.56
C LEU A 472 -16.03 -15.81 10.25
N ARG A 473 -16.86 -16.77 9.88
CA ARG A 473 -16.87 -18.05 10.58
C ARG A 473 -16.10 -19.10 9.79
N GLU A 474 -15.48 -18.66 8.70
CA GLU A 474 -14.65 -19.56 7.91
C GLU A 474 -13.20 -19.52 8.39
N LYS A 475 -12.46 -20.58 8.12
CA LYS A 475 -11.03 -20.59 8.38
C LYS A 475 -10.31 -19.72 7.36
N VAL A 476 -9.05 -19.39 7.65
CA VAL A 476 -8.15 -18.82 6.65
C VAL A 476 -7.58 -19.89 5.73
N ASP A 477 -7.67 -19.67 4.42
CA ASP A 477 -7.05 -20.59 3.48
C ASP A 477 -5.58 -20.26 3.34
N LYS A 478 -4.73 -21.27 3.56
CA LYS A 478 -3.29 -21.05 3.56
C LYS A 478 -2.75 -21.23 2.14
N ASP A 479 -3.65 -21.58 1.22
CA ASP A 479 -3.34 -21.62 -0.20
C ASP A 479 -3.24 -20.20 -0.75
N GLU A 480 -3.90 -19.26 -0.10
CA GLU A 480 -4.28 -18.03 -0.79
C GLU A 480 -3.03 -17.16 -0.94
N TRP A 481 -2.80 -16.64 -2.13
CA TRP A 481 -1.77 -15.63 -2.33
C TRP A 481 -2.29 -14.26 -1.92
N ILE A 482 -1.41 -13.41 -1.41
CA ILE A 482 -1.80 -12.09 -0.97
C ILE A 482 -1.37 -11.03 -1.97
N SER A 483 -0.91 -11.47 -3.13
CA SER A 483 -0.68 -10.56 -4.25
C SER A 483 -0.91 -11.33 -5.53
N GLY A 484 -1.42 -10.65 -6.55
CA GLY A 484 -1.40 -11.16 -7.90
C GLY A 484 0.03 -11.14 -8.43
N ALA A 485 0.22 -11.75 -9.60
CA ALA A 485 1.55 -11.87 -10.20
C ALA A 485 1.96 -10.59 -10.92
N ALA A 486 0.98 -9.85 -11.43
CA ALA A 486 1.26 -8.70 -12.28
C ALA A 486 1.38 -7.43 -11.45
N VAL A 487 2.43 -7.38 -10.64
CA VAL A 487 2.62 -6.40 -9.59
C VAL A 487 4.14 -6.26 -9.41
N VAL A 488 4.62 -5.02 -9.48
CA VAL A 488 6.00 -4.70 -9.19
C VAL A 488 6.13 -4.35 -7.72
N ASN A 489 6.30 -5.38 -6.90
CA ASN A 489 6.40 -5.24 -5.46
C ASN A 489 6.75 -6.60 -4.84
N ALA A 490 6.94 -6.61 -3.54
CA ALA A 490 7.03 -7.85 -2.76
C ALA A 490 6.45 -7.62 -1.36
N PHE A 491 6.19 -8.70 -0.63
CA PHE A 491 5.31 -8.63 0.53
C PHE A 491 5.76 -9.57 1.64
N TYR A 492 5.49 -9.15 2.88
CA TYR A 492 5.52 -10.05 4.04
C TYR A 492 4.19 -9.98 4.75
N SER A 493 3.61 -11.14 5.02
CA SER A 493 2.41 -11.24 5.83
C SER A 493 2.77 -11.86 7.16
N SER A 494 2.49 -11.16 8.25
CA SER A 494 2.88 -11.66 9.56
C SER A 494 1.85 -12.68 10.04
N GLY A 495 0.61 -12.51 9.62
CA GLY A 495 -0.44 -13.49 9.82
C GLY A 495 -0.24 -14.81 9.10
N ARG A 496 0.42 -14.76 7.94
CA ARG A 496 0.68 -15.96 7.17
C ARG A 496 2.14 -16.33 7.34
N ASN A 497 2.87 -15.46 8.01
CA ASN A 497 4.32 -15.57 8.10
C ASN A 497 4.92 -16.02 6.77
N GLN A 498 4.67 -15.23 5.72
CA GLN A 498 4.94 -15.67 4.36
C GLN A 498 5.55 -14.52 3.55
N ILE A 499 6.52 -14.86 2.72
CA ILE A 499 7.14 -13.89 1.82
C ILE A 499 6.66 -14.18 0.40
N VAL A 500 6.34 -13.11 -0.31
CA VAL A 500 5.79 -13.20 -1.65
C VAL A 500 6.57 -12.32 -2.60
N PHE A 501 6.96 -12.90 -3.73
CA PHE A 501 7.64 -12.15 -4.77
C PHE A 501 6.97 -12.42 -6.10
N PRO A 502 6.05 -11.55 -6.49
CA PRO A 502 5.37 -11.63 -7.79
C PRO A 502 6.28 -11.53 -9.02
N ALA A 503 5.93 -12.29 -10.06
CA ALA A 503 6.53 -12.20 -11.39
C ALA A 503 7.02 -10.77 -11.67
N GLY A 504 6.17 -9.77 -11.43
CA GLY A 504 6.47 -8.39 -11.81
C GLY A 504 7.73 -7.77 -11.25
N ILE A 505 8.18 -8.17 -10.07
CA ILE A 505 9.42 -7.61 -9.51
C ILE A 505 10.64 -8.45 -9.90
N LEU A 506 10.42 -9.57 -10.57
CA LEU A 506 11.49 -10.51 -10.89
C LEU A 506 12.02 -10.25 -12.30
N GLN A 507 12.56 -9.06 -12.48
CA GLN A 507 13.11 -8.64 -13.76
C GLN A 507 14.12 -7.56 -13.47
N PRO A 508 14.92 -7.19 -14.45
CA PRO A 508 15.94 -6.17 -14.20
C PRO A 508 15.26 -4.89 -13.79
N PRO A 509 15.90 -4.09 -12.95
CA PRO A 509 17.27 -4.36 -12.51
C PRO A 509 17.37 -5.33 -11.31
N PHE A 510 16.24 -5.79 -10.79
CA PHE A 510 16.23 -6.67 -9.62
C PHE A 510 16.78 -8.04 -9.94
N PHE A 511 16.25 -8.65 -10.99
CA PHE A 511 16.60 -10.02 -11.30
C PHE A 511 16.66 -10.35 -12.78
N SER A 512 17.75 -11.02 -13.17
CA SER A 512 17.74 -11.83 -14.39
C SER A 512 18.75 -12.95 -14.31
N ALA A 513 18.35 -14.12 -14.75
CA ALA A 513 19.22 -15.28 -14.77
C ALA A 513 20.38 -15.00 -15.69
N GLN A 514 20.22 -14.01 -16.55
CA GLN A 514 21.27 -13.69 -17.50
C GLN A 514 22.19 -12.56 -17.02
N GLN A 515 21.72 -11.72 -16.10
CA GLN A 515 22.57 -10.62 -15.58
C GLN A 515 23.51 -11.14 -14.51
N SER A 516 24.47 -10.31 -14.11
CA SER A 516 25.46 -10.73 -13.11
C SER A 516 24.83 -10.97 -11.75
N ASN A 517 25.32 -12.00 -11.07
CA ASN A 517 24.83 -12.35 -9.75
C ASN A 517 24.94 -11.16 -8.81
N SER A 518 26.04 -10.44 -8.91
CA SER A 518 26.24 -9.26 -8.08
C SER A 518 25.04 -8.31 -8.19
N LEU A 519 24.60 -8.07 -9.42
CA LEU A 519 23.40 -7.29 -9.67
C LEU A 519 22.18 -7.99 -9.06
N ASN A 520 22.13 -9.30 -9.22
CA ASN A 520 21.00 -10.04 -8.68
C ASN A 520 20.90 -9.91 -7.17
N TYR A 521 22.04 -10.08 -6.50
CA TYR A 521 22.05 -10.19 -5.05
C TYR A 521 21.81 -8.80 -4.45
N GLY A 522 22.27 -7.77 -5.17
CA GLY A 522 22.08 -6.40 -4.73
C GLY A 522 20.69 -5.87 -5.06
N GLY A 523 20.00 -6.57 -5.95
CA GLY A 523 18.66 -6.21 -6.35
C GLY A 523 17.66 -7.10 -5.65
N ILE A 524 17.31 -8.21 -6.27
CA ILE A 524 16.28 -9.08 -5.70
C ILE A 524 16.76 -9.69 -4.38
N GLY A 525 18.05 -9.95 -4.27
CA GLY A 525 18.60 -10.53 -3.06
C GLY A 525 18.40 -9.62 -1.86
N MET A 526 18.74 -8.35 -2.01
CA MET A 526 18.43 -7.33 -1.03
C MET A 526 16.92 -7.32 -0.73
N VAL A 527 16.11 -7.51 -1.77
CA VAL A 527 14.66 -7.46 -1.61
C VAL A 527 14.13 -8.65 -0.78
N ILE A 528 14.61 -9.85 -1.07
CA ILE A 528 14.26 -11.02 -0.28
C ILE A 528 14.62 -10.88 1.20
N GLY A 529 15.78 -10.30 1.50
CA GLY A 529 16.15 -10.03 2.88
C GLY A 529 15.29 -8.97 3.54
N HIS A 530 15.00 -7.90 2.81
CA HIS A 530 13.99 -6.94 3.22
C HIS A 530 12.79 -7.69 3.73
N GLU A 531 12.25 -8.57 2.90
CA GLU A 531 10.94 -9.15 3.18
C GLU A 531 11.03 -10.08 4.39
N ILE A 532 12.11 -10.84 4.47
CA ILE A 532 12.37 -11.72 5.60
C ILE A 532 12.51 -10.89 6.86
N THR A 533 13.30 -9.84 6.76
CA THR A 533 13.59 -9.03 7.93
C THR A 533 12.33 -8.42 8.50
N HIS A 534 11.28 -8.31 7.68
CA HIS A 534 10.06 -7.66 8.14
C HIS A 534 9.42 -8.54 9.19
N GLY A 535 9.71 -9.83 9.13
CA GLY A 535 9.17 -10.79 10.08
C GLY A 535 9.75 -10.49 11.45
N PHE A 536 10.77 -9.65 11.49
CA PHE A 536 11.51 -9.43 12.71
C PHE A 536 11.72 -7.93 12.91
N ASP A 537 10.88 -7.13 12.26
CA ASP A 537 10.89 -5.69 12.52
C ASP A 537 9.90 -5.38 13.63
N ASP A 538 9.61 -4.09 13.82
CA ASP A 538 9.05 -3.62 15.08
C ASP A 538 7.56 -4.01 15.15
N ASN A 539 6.96 -4.39 14.03
CA ASN A 539 5.64 -5.02 14.02
C ASN A 539 5.77 -6.53 14.03
N GLY A 540 6.54 -7.05 13.10
CA GLY A 540 6.56 -8.47 12.82
C GLY A 540 7.20 -9.28 13.95
N ARG A 541 8.16 -8.69 14.65
CA ARG A 541 8.79 -9.43 15.74
C ARG A 541 7.73 -9.91 16.73
N ASN A 542 6.57 -9.27 16.72
CA ASN A 542 5.52 -9.58 17.67
C ASN A 542 4.70 -10.80 17.24
N PHE A 543 4.93 -11.28 16.02
CA PHE A 543 4.18 -12.43 15.56
C PHE A 543 5.06 -13.67 15.51
N ASN A 544 4.46 -14.83 15.78
CA ASN A 544 5.25 -16.05 15.96
C ASN A 544 5.22 -16.91 14.70
N LYS A 545 5.77 -18.12 14.79
CA LYS A 545 6.06 -18.89 13.59
C LYS A 545 4.77 -19.24 12.86
N ASP A 546 3.66 -19.19 13.58
CA ASP A 546 2.38 -19.60 13.02
C ASP A 546 1.55 -18.38 12.68
N GLY A 547 2.17 -17.20 12.79
CA GLY A 547 1.50 -15.95 12.46
C GLY A 547 0.67 -15.37 13.57
N ASP A 548 0.76 -15.93 14.77
CA ASP A 548 -0.07 -15.50 15.89
C ASP A 548 0.61 -14.41 16.70
N LEU A 549 -0.17 -13.43 17.11
CA LEU A 549 0.34 -12.33 17.92
C LEU A 549 0.62 -12.82 19.34
N VAL A 550 1.87 -13.20 19.59
CA VAL A 550 2.27 -13.70 20.90
C VAL A 550 3.77 -13.55 21.11
N ASP A 551 4.11 -13.15 22.33
CA ASP A 551 5.45 -12.68 22.66
C ASP A 551 6.38 -13.86 22.83
N TRP A 552 7.46 -13.89 22.07
CA TRP A 552 8.44 -14.95 22.18
C TRP A 552 9.81 -14.38 22.47
N TRP A 553 9.79 -13.15 22.97
CA TRP A 553 11.00 -12.44 23.34
C TRP A 553 11.14 -12.43 24.85
N THR A 554 12.38 -12.45 25.33
CA THR A 554 12.65 -12.07 26.71
C THR A 554 12.63 -10.57 26.85
N GLN A 555 12.22 -10.11 28.03
CA GLN A 555 12.21 -8.69 28.33
C GLN A 555 13.53 -8.04 27.95
N GLN A 556 14.65 -8.69 28.26
CA GLN A 556 15.95 -8.09 27.97
C GLN A 556 16.15 -7.94 26.46
N SER A 557 15.88 -9.02 25.72
CA SER A 557 16.12 -9.01 24.30
C SER A 557 15.17 -8.03 23.60
N ALA A 558 13.92 -8.01 24.03
CA ALA A 558 12.94 -7.06 23.51
C ALA A 558 13.38 -5.63 23.74
N SER A 559 13.92 -5.35 24.91
CA SER A 559 14.32 -4.00 25.27
C SER A 559 15.55 -3.56 24.50
N ASN A 560 16.42 -4.51 24.17
CA ASN A 560 17.60 -4.22 23.38
C ASN A 560 17.25 -3.91 21.91
N PHE A 561 16.31 -4.68 21.36
CA PHE A 561 15.73 -4.39 20.05
C PHE A 561 15.29 -2.93 20.00
N LYS A 562 14.43 -2.55 20.93
CA LYS A 562 14.00 -1.16 21.02
C LYS A 562 15.22 -0.25 21.07
N GLU A 563 16.25 -0.66 21.80
CA GLU A 563 17.38 0.22 21.95
C GLU A 563 18.18 0.27 20.66
N GLN A 564 18.48 -0.89 20.09
CA GLN A 564 19.20 -0.95 18.83
C GLN A 564 18.39 -0.23 17.74
N SER A 565 17.09 -0.45 17.69
CA SER A 565 16.29 0.12 16.62
C SER A 565 16.16 1.63 16.81
N GLN A 566 16.22 2.07 18.06
CA GLN A 566 16.20 3.50 18.36
C GLN A 566 17.26 4.28 17.56
N CYS A 567 18.38 3.63 17.28
CA CYS A 567 19.43 4.27 16.52
C CYS A 567 18.94 4.68 15.13
N MET A 568 18.04 3.89 14.55
CA MET A 568 17.52 4.17 13.21
C MET A 568 16.40 5.20 13.26
N VAL A 569 15.65 5.22 14.36
CA VAL A 569 14.71 6.30 14.57
C VAL A 569 15.42 7.64 14.51
N TYR A 570 16.53 7.78 15.23
CA TYR A 570 17.30 9.03 15.22
C TYR A 570 17.96 9.35 13.88
N GLN A 571 18.71 8.39 13.32
CA GLN A 571 19.44 8.62 12.08
C GLN A 571 18.54 9.14 10.98
N TYR A 572 17.39 8.49 10.81
CA TYR A 572 16.48 8.84 9.72
C TYR A 572 15.57 10.01 10.09
N GLY A 573 15.17 10.06 11.35
CA GLY A 573 14.51 11.23 11.90
C GLY A 573 15.22 12.50 11.55
N ASN A 574 16.53 12.41 11.32
CA ASN A 574 17.36 13.60 11.24
C ASN A 574 17.59 14.11 9.82
N PHE A 575 17.40 13.26 8.81
CA PHE A 575 17.38 13.73 7.44
C PHE A 575 16.29 14.78 7.29
N SER A 576 16.60 15.85 6.59
CA SER A 576 15.57 16.77 6.17
C SER A 576 15.44 16.71 4.66
N TRP A 577 14.22 16.83 4.18
CA TRP A 577 13.90 16.45 2.82
C TRP A 577 13.52 17.68 2.01
N ASP A 578 14.36 18.06 1.06
CA ASP A 578 14.18 19.33 0.38
C ASP A 578 12.78 19.36 -0.21
N LEU A 579 12.43 18.31 -0.94
CA LEU A 579 11.25 18.34 -1.79
C LEU A 579 9.99 18.55 -0.95
N ALA A 580 10.05 18.09 0.30
CA ALA A 580 8.98 18.32 1.25
C ALA A 580 9.20 19.63 2.01
N GLY A 581 10.05 20.50 1.45
CA GLY A 581 10.29 21.80 2.05
C GLY A 581 11.10 21.76 3.35
N GLY A 582 12.01 20.80 3.47
CA GLY A 582 12.92 20.78 4.59
C GLY A 582 12.44 20.06 5.84
N GLN A 583 11.21 19.54 5.83
CA GLN A 583 10.77 18.69 6.92
C GLN A 583 11.69 17.47 7.14
N HIS A 584 11.78 17.06 8.39
CA HIS A 584 12.40 15.80 8.75
C HIS A 584 11.47 14.65 8.40
N LEU A 585 12.05 13.52 8.02
CA LEU A 585 11.29 12.27 7.97
C LEU A 585 10.80 11.90 9.36
N ASN A 586 9.67 11.23 9.43
CA ASN A 586 9.26 10.55 10.64
C ASN A 586 10.02 9.25 10.87
N GLY A 587 10.88 9.25 11.88
CA GLY A 587 11.76 8.11 12.17
C GLY A 587 11.01 6.89 12.69
N ILE A 588 9.90 7.15 13.36
CA ILE A 588 9.09 6.06 13.91
C ILE A 588 8.25 5.36 12.83
N ASN A 589 7.54 6.14 12.01
CA ASN A 589 6.65 5.56 11.01
C ASN A 589 7.40 4.85 9.89
N THR A 590 8.68 5.15 9.72
CA THR A 590 9.48 4.49 8.71
C THR A 590 10.31 3.35 9.29
N LEU A 591 10.29 3.21 10.62
CA LEU A 591 11.30 2.40 11.27
C LEU A 591 11.28 1.00 10.66
N GLY A 592 10.09 0.46 10.46
CA GLY A 592 9.96 -0.92 10.06
C GLY A 592 10.63 -1.13 8.72
N GLU A 593 10.38 -0.20 7.80
CA GLU A 593 10.95 -0.29 6.47
C GLU A 593 12.45 -0.09 6.52
N ASN A 594 12.91 0.79 7.39
CA ASN A 594 14.34 1.04 7.48
C ASN A 594 15.07 -0.15 8.10
N ILE A 595 14.45 -0.81 9.07
CA ILE A 595 15.05 -2.00 9.64
C ILE A 595 15.17 -3.05 8.56
N ALA A 596 14.14 -3.14 7.73
CA ALA A 596 14.10 -4.17 6.69
C ALA A 596 15.13 -3.90 5.59
N ASP A 597 15.41 -2.62 5.31
CA ASP A 597 16.44 -2.28 4.33
C ASP A 597 17.85 -2.60 4.82
N ASN A 598 18.17 -2.20 6.05
CA ASN A 598 19.52 -2.36 6.58
C ASN A 598 19.86 -3.84 6.83
N GLY A 599 18.92 -4.59 7.40
CA GLY A 599 19.11 -6.03 7.54
C GLY A 599 19.17 -6.74 6.21
N GLY A 600 18.28 -6.34 5.31
CA GLY A 600 18.10 -7.03 4.07
C GLY A 600 19.29 -6.89 3.16
N LEU A 601 19.90 -5.70 3.15
CA LEU A 601 21.09 -5.47 2.34
C LEU A 601 22.29 -6.23 2.86
N GLY A 602 22.47 -6.25 4.18
CA GLY A 602 23.59 -6.96 4.77
C GLY A 602 23.46 -8.45 4.55
N GLN A 603 22.28 -9.00 4.78
CA GLN A 603 21.98 -10.37 4.44
C GLN A 603 22.43 -10.71 3.03
N ALA A 604 22.12 -9.83 2.08
CA ALA A 604 22.24 -10.19 0.68
C ALA A 604 23.69 -10.15 0.26
N TYR A 605 24.43 -9.21 0.83
CA TYR A 605 25.87 -9.13 0.58
C TYR A 605 26.59 -10.39 1.04
N ARG A 606 26.30 -10.82 2.27
CA ARG A 606 26.88 -12.03 2.81
C ARG A 606 26.48 -13.24 1.98
N ALA A 607 25.29 -13.21 1.40
CA ALA A 607 24.89 -14.29 0.51
C ALA A 607 25.63 -14.22 -0.83
N TYR A 608 25.98 -13.02 -1.28
CA TYR A 608 26.88 -12.88 -2.43
C TYR A 608 28.32 -13.28 -2.06
N GLN A 609 28.78 -12.83 -0.90
CA GLN A 609 30.07 -13.28 -0.42
C GLN A 609 30.10 -14.81 -0.40
N ASN A 610 29.09 -15.42 0.19
CA ASN A 610 29.05 -16.87 0.25
C ASN A 610 29.02 -17.49 -1.14
N TYR A 611 28.46 -16.79 -2.12
CA TYR A 611 28.37 -17.30 -3.48
C TYR A 611 29.73 -17.27 -4.16
N ILE A 612 30.45 -16.18 -3.97
CA ILE A 612 31.72 -16.01 -4.65
C ILE A 612 32.75 -16.97 -4.09
N LYS A 613 32.78 -17.11 -2.77
CA LYS A 613 33.64 -18.10 -2.13
C LYS A 613 33.46 -19.45 -2.81
N LYS A 614 32.21 -19.81 -3.08
CA LYS A 614 31.90 -21.16 -3.54
C LYS A 614 32.13 -21.32 -5.04
N ASN A 615 31.93 -20.24 -5.81
CA ASN A 615 31.95 -20.35 -7.27
C ASN A 615 33.02 -19.50 -7.93
N GLY A 616 33.69 -18.66 -7.14
CA GLY A 616 34.76 -17.82 -7.66
C GLY A 616 34.22 -16.55 -8.30
N GLU A 617 35.11 -15.64 -8.67
CA GLU A 617 34.70 -14.28 -8.95
C GLU A 617 33.97 -14.23 -10.29
N GLU A 618 33.22 -13.16 -10.54
CA GLU A 618 32.56 -13.00 -11.82
C GLU A 618 33.39 -12.16 -12.75
N LYS A 619 33.22 -12.40 -14.04
CA LYS A 619 33.82 -11.54 -15.04
C LYS A 619 33.20 -10.15 -14.95
N LEU A 620 34.03 -9.15 -15.19
CA LEU A 620 33.67 -7.78 -14.90
C LEU A 620 32.77 -7.29 -16.02
N LEU A 621 32.10 -6.16 -15.81
CA LEU A 621 31.23 -5.59 -16.82
C LEU A 621 32.00 -4.59 -17.66
N PRO A 622 31.75 -4.56 -18.95
CA PRO A 622 32.48 -3.66 -19.86
C PRO A 622 32.01 -2.24 -19.71
N GLY A 623 32.95 -1.30 -19.77
CA GLY A 623 32.62 0.11 -19.78
C GLY A 623 32.55 0.68 -18.38
N LEU A 624 32.80 -0.16 -17.38
CA LEU A 624 32.69 0.27 -16.00
C LEU A 624 33.96 -0.08 -15.23
N ASP A 625 34.59 0.94 -14.67
CA ASP A 625 35.76 0.75 -13.82
C ASP A 625 35.35 0.41 -12.38
N LEU A 626 34.58 -0.66 -12.24
CA LEU A 626 34.12 -1.11 -10.93
C LEU A 626 34.24 -2.61 -10.85
N ASN A 627 34.61 -3.12 -9.67
CA ASN A 627 34.46 -4.55 -9.41
C ASN A 627 33.07 -4.87 -8.87
N HIS A 628 32.84 -6.14 -8.55
CA HIS A 628 31.48 -6.63 -8.37
C HIS A 628 30.92 -6.30 -7.00
N LYS A 629 31.80 -6.19 -6.00
CA LYS A 629 31.38 -5.67 -4.71
C LYS A 629 30.84 -4.27 -4.93
N GLN A 630 31.54 -3.49 -5.75
CA GLN A 630 31.08 -2.16 -6.09
C GLN A 630 29.76 -2.23 -6.86
N LEU A 631 29.67 -3.12 -7.85
CA LEU A 631 28.46 -3.27 -8.66
C LEU A 631 27.28 -3.68 -7.80
N PHE A 632 27.54 -4.55 -6.82
CA PHE A 632 26.50 -4.99 -5.92
C PHE A 632 25.75 -3.79 -5.36
N PHE A 633 26.50 -2.79 -4.90
CA PHE A 633 25.93 -1.61 -4.23
C PHE A 633 25.37 -0.56 -5.22
N LEU A 634 26.01 -0.47 -6.38
CA LEU A 634 25.48 0.32 -7.48
C LEU A 634 24.04 -0.02 -7.71
N ASN A 635 23.78 -1.32 -7.82
CA ASN A 635 22.51 -1.78 -8.32
C ASN A 635 21.44 -1.64 -7.24
N PHE A 636 21.82 -2.00 -6.02
CA PHE A 636 21.04 -1.66 -4.83
C PHE A 636 20.54 -0.24 -4.93
N ALA A 637 21.44 0.71 -5.16
CA ALA A 637 21.08 2.13 -5.17
C ALA A 637 20.23 2.50 -6.39
N GLN A 638 20.50 1.88 -7.53
CA GLN A 638 19.85 2.35 -8.75
C GLN A 638 18.40 1.91 -8.81
N VAL A 639 18.04 0.89 -8.02
CA VAL A 639 16.64 0.57 -7.82
C VAL A 639 15.84 1.82 -7.46
N TRP A 640 16.51 2.81 -6.87
CA TRP A 640 15.78 3.92 -6.30
C TRP A 640 16.12 5.26 -6.92
N CYS A 641 16.87 5.26 -8.02
CA CYS A 641 16.97 6.49 -8.82
C CYS A 641 15.55 6.98 -9.13
N GLY A 642 15.27 8.23 -8.81
CA GLY A 642 13.91 8.72 -8.76
C GLY A 642 13.81 10.10 -8.14
N THR A 643 12.68 10.74 -8.29
CA THR A 643 12.45 12.01 -7.64
C THR A 643 10.96 12.13 -7.38
N TYR A 644 10.56 13.17 -6.65
CA TYR A 644 9.16 13.37 -6.28
C TYR A 644 8.75 14.80 -6.63
N ARG A 645 7.46 15.01 -6.89
CA ARG A 645 6.87 16.34 -6.86
C ARG A 645 6.73 16.84 -5.42
N PRO A 646 7.05 18.10 -5.19
CA PRO A 646 6.95 18.71 -3.85
C PRO A 646 5.60 18.40 -3.18
N GLU A 647 4.51 18.54 -3.91
CA GLU A 647 3.19 18.26 -3.36
C GLU A 647 3.09 16.83 -2.84
N TYR A 648 3.62 15.88 -3.59
CA TYR A 648 3.56 14.49 -3.18
C TYR A 648 4.54 14.16 -2.08
N ALA A 649 5.66 14.89 -2.05
CA ALA A 649 6.66 14.68 -1.02
C ALA A 649 6.07 15.04 0.31
N VAL A 650 5.32 16.15 0.32
CA VAL A 650 4.54 16.59 1.47
C VAL A 650 3.49 15.56 1.87
N ASN A 651 2.87 14.96 0.87
CA ASN A 651 1.91 13.88 1.09
C ASN A 651 2.60 12.64 1.65
N SER A 652 3.75 12.29 1.10
CA SER A 652 4.34 10.98 1.34
C SER A 652 5.13 10.93 2.64
N ILE A 653 5.73 12.05 3.04
CA ILE A 653 6.50 12.08 4.26
C ILE A 653 5.61 11.81 5.47
N LYS A 654 4.30 11.87 5.28
CA LYS A 654 3.35 11.49 6.31
C LYS A 654 2.66 10.15 6.05
N THR A 655 2.58 9.73 4.80
CA THR A 655 1.69 8.63 4.43
C THR A 655 2.48 7.37 4.08
N ASP A 656 3.73 7.54 3.68
CA ASP A 656 4.52 6.38 3.24
C ASP A 656 5.22 5.72 4.43
N VAL A 657 5.06 4.42 4.58
CA VAL A 657 5.84 3.69 5.55
C VAL A 657 7.29 3.48 5.09
N HIS A 658 7.58 3.75 3.82
CA HIS A 658 8.98 3.78 3.37
C HIS A 658 9.62 5.16 3.52
N SER A 659 10.93 5.18 3.74
CA SER A 659 11.73 6.36 3.42
C SER A 659 11.80 6.59 1.92
N PRO A 660 11.87 7.85 1.53
CA PRO A 660 12.05 8.19 0.13
C PRO A 660 13.32 7.57 -0.41
N GLY A 661 13.34 7.23 -1.69
CA GLY A 661 14.37 6.36 -2.23
C GLY A 661 15.77 6.83 -1.92
N ASN A 662 15.99 8.14 -2.07
CA ASN A 662 17.33 8.66 -1.85
C ASN A 662 17.83 8.44 -0.42
N PHE A 663 16.96 8.59 0.58
CA PHE A 663 17.39 8.39 1.95
C PHE A 663 17.50 6.90 2.32
N ARG A 664 16.88 6.04 1.52
CA ARG A 664 17.12 4.61 1.68
C ARG A 664 18.53 4.22 1.26
N ILE A 665 18.94 4.66 0.08
CA ILE A 665 20.32 4.49 -0.34
C ILE A 665 21.25 4.99 0.77
N ILE A 666 21.07 6.23 1.19
CA ILE A 666 22.03 6.89 2.07
C ILE A 666 21.91 6.37 3.50
N GLY A 667 20.68 6.21 3.97
CA GLY A 667 20.41 5.54 5.23
C GLY A 667 21.25 4.28 5.42
N THR A 668 21.14 3.36 4.46
CA THR A 668 21.59 1.99 4.70
C THR A 668 23.09 1.88 4.53
N LEU A 669 23.63 2.56 3.52
CA LEU A 669 25.07 2.53 3.24
C LEU A 669 25.93 3.21 4.30
N GLN A 670 25.38 4.21 4.97
CA GLN A 670 26.05 4.79 6.13
C GLN A 670 26.20 3.77 7.24
N ASN A 671 25.24 2.87 7.36
CA ASN A 671 25.28 1.84 8.39
C ASN A 671 26.09 0.62 7.96
N SER A 672 26.62 0.63 6.74
CA SER A 672 27.26 -0.56 6.21
C SER A 672 28.77 -0.34 6.09
N ALA A 673 29.53 -1.14 6.82
CA ALA A 673 30.98 -1.12 6.70
C ALA A 673 31.42 -1.66 5.35
N GLU A 674 30.71 -2.66 4.83
CA GLU A 674 31.11 -3.31 3.58
C GLU A 674 31.18 -2.28 2.46
N PHE A 675 30.18 -1.41 2.39
CA PHE A 675 30.12 -0.39 1.36
C PHE A 675 31.39 0.45 1.35
N SER A 676 31.76 0.94 2.53
CA SER A 676 32.87 1.87 2.68
C SER A 676 34.21 1.18 2.40
N GLU A 677 34.25 -0.14 2.59
CA GLU A 677 35.35 -0.95 2.10
C GLU A 677 35.31 -1.08 0.60
N ALA A 678 34.11 -1.05 0.02
CA ALA A 678 34.00 -1.14 -1.42
C ALA A 678 34.55 0.13 -2.06
N PHE A 679 34.25 1.29 -1.49
CA PHE A 679 34.63 2.57 -2.09
C PHE A 679 35.64 3.34 -1.26
N HIS A 680 36.38 2.63 -0.42
CA HIS A 680 37.55 3.21 0.22
C HIS A 680 37.18 4.56 0.82
N CYS A 681 36.12 4.57 1.61
CA CYS A 681 35.62 5.80 2.21
C CYS A 681 36.41 6.13 3.48
N ARG A 682 36.80 7.39 3.60
CA ARG A 682 37.50 7.85 4.78
C ARG A 682 36.60 7.72 5.98
N LYS A 683 37.19 7.40 7.13
CA LYS A 683 36.52 7.66 8.40
C LYS A 683 35.87 9.04 8.32
N ASN A 684 34.54 9.06 8.44
CA ASN A 684 33.82 10.29 8.74
C ASN A 684 33.44 11.08 7.49
N SER A 685 33.78 10.53 6.33
CA SER A 685 33.10 10.89 5.09
C SER A 685 31.60 10.78 5.23
N TYR A 686 30.86 11.57 4.47
CA TYR A 686 29.42 11.65 4.67
C TYR A 686 28.80 10.26 4.64
N MET A 687 29.25 9.40 3.75
CA MET A 687 28.68 8.05 3.61
C MET A 687 29.18 7.08 4.69
N ASN A 688 30.16 7.53 5.47
CA ASN A 688 30.82 6.62 6.41
C ASN A 688 30.99 7.25 7.80
N PRO A 689 29.88 7.44 8.50
CA PRO A 689 29.92 7.87 9.90
C PRO A 689 30.56 6.79 10.78
N GLU A 690 31.33 7.20 11.77
CA GLU A 690 31.92 6.27 12.72
C GLU A 690 30.81 5.59 13.50
N LYS A 691 29.75 6.34 13.78
CA LYS A 691 28.59 5.81 14.48
C LYS A 691 27.59 5.17 13.53
N LYS A 692 27.31 3.88 13.76
CA LYS A 692 26.49 3.10 12.83
C LYS A 692 25.42 2.29 13.55
N CYS A 693 24.26 2.21 12.91
CA CYS A 693 23.15 1.48 13.46
C CYS A 693 23.20 0.05 12.97
N ARG A 694 22.77 -0.86 13.80
CA ARG A 694 22.63 -2.24 13.43
C ARG A 694 21.56 -2.85 14.31
N VAL A 695 20.59 -3.52 13.70
CA VAL A 695 19.80 -4.49 14.45
C VAL A 695 19.94 -5.91 13.88
N TRP A 696 19.36 -6.18 12.72
CA TRP A 696 19.58 -7.47 12.09
C TRP A 696 20.78 -7.46 11.16
C1 NAG B . -18.44 2.58 -26.88
C2 NAG B . -18.33 1.69 -28.11
C3 NAG B . -19.44 2.10 -29.06
C4 NAG B . -20.75 1.79 -28.37
C5 NAG B . -20.82 2.49 -27.01
C6 NAG B . -22.05 2.01 -26.25
C7 NAG B . -16.17 0.78 -28.85
C8 NAG B . -14.87 1.08 -29.55
N2 NAG B . -17.03 1.79 -28.75
O3 NAG B . -19.34 1.41 -30.29
O4 NAG B . -21.83 2.17 -29.20
O5 NAG B . -19.67 2.25 -26.23
O6 NAG B . -23.10 2.94 -26.40
O7 NAG B . -16.38 -0.34 -28.41
C1 NAG C . -31.61 -2.14 13.56
C2 NAG C . -32.59 -3.17 13.01
C3 NAG C . -33.68 -2.51 12.19
C4 NAG C . -34.29 -1.39 13.02
C5 NAG C . -33.19 -0.44 13.46
C6 NAG C . -33.76 0.77 14.19
C7 NAG C . -31.18 -5.08 12.79
C8 NAG C . -30.23 -5.86 11.93
N2 NAG C . -31.89 -4.14 12.19
O3 NAG C . -34.67 -3.44 11.85
O4 NAG C . -35.25 -0.73 12.22
O5 NAG C . -32.29 -1.15 14.29
O6 NAG C . -34.68 1.41 13.32
O7 NAG C . -31.28 -5.33 14.00
C1 NAG D . 18.55 13.49 15.53
C2 NAG D . 17.12 13.41 16.02
C3 NAG D . 17.04 13.96 17.44
C4 NAG D . 18.03 13.21 18.31
C5 NAG D . 19.42 13.26 17.67
C6 NAG D . 20.45 12.53 18.51
C7 NAG D . 14.97 13.80 15.00
C8 NAG D . 14.07 14.81 14.35
N2 NAG D . 16.23 14.16 15.14
O3 NAG D . 15.72 13.79 17.93
O4 NAG D . 18.06 13.82 19.57
O5 NAG D . 19.37 12.69 16.37
O6 NAG D . 19.87 11.35 18.99
O7 NAG D . 14.55 12.70 15.37
ZN ZN E . 9.09 -3.33 3.16
C ACT F . -14.15 10.12 8.02
O ACT F . -14.02 10.75 6.95
OXT ACT F . -15.11 9.30 8.12
CH3 ACT F . -13.20 10.31 9.15
S10 STS G . 7.46 -3.30 1.66
C2 STS G . 8.15 -3.98 0.13
C1 STS G . 9.32 -3.18 -0.46
C11 STS G . 8.82 -1.92 -1.05
N13 STS G . 7.74 -1.81 -1.85
C15 STS G . 7.58 -0.53 -2.21
C14 STS G . 8.69 0.18 -1.58
N12 STS G . 9.39 -0.71 -0.89
C16 STS G . 8.77 1.54 -1.80
C19 STS G . 7.82 2.17 -2.59
N18 STS G . 6.82 1.49 -3.16
C17 STS G . 6.67 0.16 -3.00
C3 STS G . 9.96 -4.02 -1.55
C4 STS G . 11.33 -3.50 -1.91
C5 STS G . 11.58 -2.94 -3.15
C6 STS G . 12.85 -2.48 -3.48
C7 STS G . 13.88 -2.56 -2.54
C8 STS G . 13.63 -3.12 -1.29
C9 STS G . 12.36 -3.59 -0.97
#